data_6HLZ
#
_entry.id   6HLZ
#
_cell.length_a   170.830
_cell.length_b   40.930
_cell.length_c   117.420
_cell.angle_alpha   90.00
_cell.angle_beta   115.07
_cell.angle_gamma   90.00
#
_symmetry.space_group_name_H-M   'C 1 2 1'
#
loop_
_entity.id
_entity.type
_entity.pdbx_description
1 polymer 'Agropine permease'
2 non-polymer 1,2-ETHANEDIOL
3 non-polymer 1-ETHOXY-2-(2-ETHOXYETHOXY)ETHANE
4 non-polymer 'agropinic acid'
5 non-polymer DI(HYDROXYETHYL)ETHER
6 non-polymer 'HEXAETHYLENE GLYCOL'
7 water water
#
_entity_poly.entity_id   1
_entity_poly.type   'polypeptide(L)'
_entity_poly.pdbx_seq_one_letter_code
;MGSSHHHHHHSSGLVPRGSHMMADLVISSYGGSFQDAQTKAYFDPYAKASGVKVTGTTGTGYAKVKAMVESGNVTWDVIS
AESPAFASEVKDGLLEPIDYSVVKADNVPENFRTKYGVGYMVFGTNLAWNKDKFPNGVTPAQFFDPNVKGRRVLPSDATY
SLEFALMGDGVKPADLYPLDVKRALKVIDRVKDQVIGYKGASDIQALMQQGEADIVYAGTGRIKNAIKAGANWSYSWEGA
LADTEYWAVPKGAPHAAEAMKFINFAVQAEPQAELTRVIAYGPTNVDALRLLDPAVAKDLPSYPANAKLGAVLNSKWWND
NYDAVKAEWTTYIMQHHHHHH
;
_entity_poly.pdbx_strand_id   A,B
#
loop_
_chem_comp.id
_chem_comp.type
_chem_comp.name
_chem_comp.formula
EDO non-polymer 1,2-ETHANEDIOL 'C2 H6 O2'
G9Z non-polymer 'agropinic acid' 'C11 H17 N O8'
P4G non-polymer 1-ETHOXY-2-(2-ETHOXYETHOXY)ETHANE 'C8 H18 O3'
P6G non-polymer 'HEXAETHYLENE GLYCOL' 'C12 H26 O7'
PEG non-polymer DI(HYDROXYETHYL)ETHER 'C4 H10 O3'
#
# COMPACT_ATOMS: atom_id res chain seq x y z
N HIS A 20 -36.57 -13.77 -1.39
CA HIS A 20 -35.75 -14.98 -1.45
C HIS A 20 -35.48 -15.45 -2.90
N MET A 21 -34.55 -16.41 -3.07
CA MET A 21 -34.22 -16.96 -4.38
C MET A 21 -35.30 -17.93 -4.86
N MET A 22 -35.89 -17.65 -6.03
CA MET A 22 -36.96 -18.43 -6.67
C MET A 22 -36.50 -19.05 -8.02
N ALA A 23 -35.21 -18.89 -8.29
CA ALA A 23 -34.47 -19.34 -9.46
C ALA A 23 -32.98 -19.37 -9.09
N ASP A 24 -32.17 -19.80 -10.04
CA ASP A 24 -30.73 -19.94 -9.93
C ASP A 24 -30.02 -18.62 -9.74
N LEU A 25 -28.95 -18.67 -8.96
CA LEU A 25 -28.04 -17.57 -8.85
C LEU A 25 -27.04 -17.90 -9.97
N VAL A 26 -26.93 -17.00 -10.95
CA VAL A 26 -26.08 -17.19 -12.14
C VAL A 26 -24.69 -16.55 -11.94
N ILE A 27 -23.63 -17.40 -11.97
CA ILE A 27 -22.22 -16.98 -11.83
C ILE A 27 -21.42 -17.17 -13.15
N SER A 28 -20.92 -16.05 -13.75
CA SER A 28 -20.11 -16.13 -14.98
C SER A 28 -18.61 -16.14 -14.71
N SER A 29 -17.95 -17.18 -15.25
CA SER A 29 -16.53 -17.34 -15.10
C SER A 29 -15.84 -17.76 -16.43
N TYR A 30 -14.69 -18.45 -16.36
CA TYR A 30 -13.80 -18.74 -17.50
C TYR A 30 -13.90 -20.15 -18.10
N GLY A 31 -14.67 -21.05 -17.47
CA GLY A 31 -14.83 -22.42 -17.93
C GLY A 31 -13.65 -23.31 -17.54
N GLY A 32 -13.65 -24.52 -18.08
CA GLY A 32 -12.60 -25.51 -17.89
C GLY A 32 -12.26 -25.83 -16.45
N SER A 33 -10.98 -26.16 -16.20
CA SER A 33 -10.45 -26.57 -14.91
C SER A 33 -10.63 -25.51 -13.79
N PHE A 34 -10.48 -24.20 -14.10
CA PHE A 34 -10.67 -23.13 -13.12
C PHE A 34 -12.13 -23.04 -12.64
N GLN A 35 -13.10 -23.16 -13.55
CA GLN A 35 -14.51 -23.16 -13.20
C GLN A 35 -14.84 -24.44 -12.44
N ASP A 36 -14.21 -25.58 -12.83
CA ASP A 36 -14.36 -26.85 -12.09
C ASP A 36 -13.94 -26.65 -10.63
N ALA A 37 -12.79 -25.95 -10.42
CA ALA A 37 -12.23 -25.61 -9.10
C ALA A 37 -13.18 -24.69 -8.33
N GLN A 38 -13.66 -23.58 -8.96
CA GLN A 38 -14.64 -22.65 -8.37
C GLN A 38 -15.94 -23.37 -7.97
N THR A 39 -16.42 -24.34 -8.78
CA THR A 39 -17.64 -25.12 -8.50
C THR A 39 -17.46 -25.97 -7.24
N LYS A 40 -16.30 -26.62 -7.11
CA LYS A 40 -15.98 -27.47 -5.95
C LYS A 40 -15.75 -26.65 -4.66
N ALA A 41 -15.10 -25.47 -4.77
CA ALA A 41 -14.78 -24.64 -3.61
C ALA A 41 -15.85 -23.63 -3.19
N TYR A 42 -16.53 -23.03 -4.17
CA TYR A 42 -17.45 -21.93 -3.92
C TYR A 42 -18.91 -22.19 -4.25
N PHE A 43 -19.22 -22.60 -5.52
CA PHE A 43 -20.58 -22.77 -6.02
C PHE A 43 -21.34 -23.89 -5.29
N ASP A 44 -20.85 -25.15 -5.33
CA ASP A 44 -21.53 -26.29 -4.65
C ASP A 44 -21.57 -26.10 -3.10
N PRO A 45 -20.46 -25.69 -2.41
CA PRO A 45 -20.56 -25.42 -0.97
C PRO A 45 -21.54 -24.31 -0.63
N TYR A 46 -21.59 -23.19 -1.38
CA TYR A 46 -22.62 -22.16 -1.12
C TYR A 46 -24.05 -22.70 -1.25
N ALA A 47 -24.32 -23.45 -2.34
CA ALA A 47 -25.63 -24.07 -2.63
C ALA A 47 -26.07 -24.93 -1.47
N LYS A 48 -25.14 -25.75 -0.93
CA LYS A 48 -25.36 -26.65 0.20
C LYS A 48 -25.59 -25.87 1.54
N ALA A 49 -24.88 -24.75 1.74
CA ALA A 49 -24.96 -23.92 2.94
C ALA A 49 -26.19 -23.01 2.98
N SER A 50 -26.59 -22.44 1.83
CA SER A 50 -27.71 -21.49 1.70
C SER A 50 -29.02 -22.09 1.25
N GLY A 51 -28.97 -23.21 0.53
CA GLY A 51 -30.16 -23.83 -0.04
C GLY A 51 -30.53 -23.19 -1.38
N VAL A 52 -29.68 -22.26 -1.87
CA VAL A 52 -29.85 -21.55 -3.14
C VAL A 52 -29.32 -22.43 -4.29
N LYS A 53 -30.02 -22.41 -5.44
CA LYS A 53 -29.55 -23.13 -6.62
C LYS A 53 -28.47 -22.26 -7.31
N VAL A 54 -27.25 -22.78 -7.45
CA VAL A 54 -26.15 -21.99 -8.05
C VAL A 54 -25.74 -22.55 -9.41
N THR A 55 -25.81 -21.70 -10.45
CA THR A 55 -25.47 -22.12 -11.79
C THR A 55 -24.30 -21.36 -12.39
N GLY A 56 -23.25 -22.11 -12.62
CA GLY A 56 -22.03 -21.60 -13.24
C GLY A 56 -22.23 -21.48 -14.74
N THR A 57 -21.78 -20.37 -15.30
CA THR A 57 -21.83 -20.09 -16.74
C THR A 57 -20.47 -19.52 -17.19
N THR A 58 -20.29 -19.32 -18.50
CA THR A 58 -19.05 -18.78 -19.06
C THR A 58 -19.30 -17.50 -19.85
N GLY A 59 -18.23 -16.82 -20.22
CA GLY A 59 -18.31 -15.59 -21.00
C GLY A 59 -17.83 -14.34 -20.31
N THR A 60 -17.39 -14.45 -19.03
CA THR A 60 -16.94 -13.26 -18.29
C THR A 60 -15.86 -12.48 -19.06
N GLY A 61 -15.99 -11.17 -19.03
CA GLY A 61 -15.06 -10.24 -19.66
C GLY A 61 -15.75 -8.90 -19.76
N TYR A 62 -14.97 -7.82 -19.97
CA TYR A 62 -15.48 -6.46 -20.07
C TYR A 62 -16.46 -6.26 -21.25
N ALA A 63 -16.13 -6.75 -22.46
CA ALA A 63 -16.97 -6.63 -23.66
C ALA A 63 -18.37 -7.24 -23.46
N LYS A 64 -18.44 -8.45 -22.88
CA LYS A 64 -19.67 -9.18 -22.58
C LYS A 64 -20.52 -8.50 -21.49
N VAL A 65 -19.86 -8.02 -20.40
CA VAL A 65 -20.48 -7.34 -19.25
C VAL A 65 -21.11 -6.02 -19.73
N LYS A 66 -20.37 -5.26 -20.55
CA LYS A 66 -20.81 -4.01 -21.15
C LYS A 66 -22.04 -4.22 -21.98
N ALA A 67 -22.01 -5.19 -22.91
CA ALA A 67 -23.14 -5.49 -23.80
C ALA A 67 -24.40 -5.87 -22.99
N MET A 68 -24.24 -6.70 -21.96
CA MET A 68 -25.33 -7.17 -21.11
C MET A 68 -25.95 -6.05 -20.26
N VAL A 69 -25.10 -5.30 -19.51
CA VAL A 69 -25.52 -4.22 -18.63
C VAL A 69 -26.21 -3.09 -19.43
N GLU A 70 -25.58 -2.66 -20.54
CA GLU A 70 -26.10 -1.58 -21.40
C GLU A 70 -27.38 -1.96 -22.14
N SER A 71 -27.58 -3.28 -22.42
CA SER A 71 -28.80 -3.78 -23.06
C SER A 71 -30.02 -3.67 -22.12
N GLY A 72 -29.76 -3.83 -20.82
CA GLY A 72 -30.79 -3.81 -19.79
C GLY A 72 -31.37 -5.20 -19.58
N ASN A 73 -30.78 -6.21 -20.22
CA ASN A 73 -31.19 -7.62 -20.12
C ASN A 73 -30.06 -8.36 -19.41
N VAL A 74 -29.96 -8.14 -18.08
CA VAL A 74 -28.88 -8.69 -17.25
C VAL A 74 -29.25 -10.09 -16.78
N THR A 75 -28.48 -11.11 -17.22
CA THR A 75 -28.74 -12.50 -16.88
C THR A 75 -27.66 -13.05 -15.94
N TRP A 76 -26.59 -12.26 -15.71
CA TRP A 76 -25.54 -12.70 -14.78
C TRP A 76 -25.65 -11.93 -13.47
N ASP A 77 -25.67 -12.69 -12.35
CA ASP A 77 -25.78 -12.17 -10.99
C ASP A 77 -24.43 -11.86 -10.35
N VAL A 78 -23.40 -12.72 -10.61
CA VAL A 78 -22.02 -12.62 -10.09
C VAL A 78 -21.06 -12.88 -11.28
N ILE A 79 -19.99 -12.07 -11.37
CA ILE A 79 -18.93 -12.24 -12.34
C ILE A 79 -17.59 -12.39 -11.63
N SER A 80 -16.68 -13.09 -12.30
CA SER A 80 -15.29 -13.19 -11.88
C SER A 80 -14.54 -12.31 -12.87
N ALA A 81 -13.94 -11.23 -12.39
CA ALA A 81 -13.24 -10.26 -13.22
C ALA A 81 -11.75 -10.12 -12.86
N GLU A 82 -10.88 -10.29 -13.86
CA GLU A 82 -9.43 -10.08 -13.72
C GLU A 82 -9.26 -8.57 -13.62
N SER A 83 -8.25 -8.09 -12.88
CA SER A 83 -8.08 -6.66 -12.59
C SER A 83 -8.16 -5.74 -13.84
N PRO A 84 -7.60 -5.99 -15.05
CA PRO A 84 -7.82 -5.01 -16.15
C PRO A 84 -9.28 -4.96 -16.63
N ALA A 85 -9.98 -6.13 -16.67
CA ALA A 85 -11.40 -6.18 -17.04
C ALA A 85 -12.27 -5.48 -15.98
N PHE A 86 -11.92 -5.71 -14.70
CA PHE A 86 -12.59 -5.08 -13.55
C PHE A 86 -12.48 -3.55 -13.62
N ALA A 87 -11.26 -3.02 -13.92
CA ALA A 87 -10.97 -1.59 -14.08
C ALA A 87 -11.88 -0.95 -15.15
N SER A 88 -11.98 -1.57 -16.35
CA SER A 88 -12.84 -1.11 -17.45
C SER A 88 -14.34 -1.14 -17.07
N GLU A 89 -14.78 -2.18 -16.34
CA GLU A 89 -16.17 -2.33 -15.87
C GLU A 89 -16.56 -1.21 -14.91
N VAL A 90 -15.67 -0.88 -13.93
CA VAL A 90 -15.84 0.21 -12.95
C VAL A 90 -15.92 1.55 -13.70
N LYS A 91 -14.96 1.78 -14.63
CA LYS A 91 -14.85 3.00 -15.44
C LYS A 91 -16.13 3.28 -16.23
N ASP A 92 -16.82 2.24 -16.71
CA ASP A 92 -18.06 2.36 -17.49
C ASP A 92 -19.36 2.23 -16.64
N GLY A 93 -19.22 2.25 -15.31
CA GLY A 93 -20.34 2.15 -14.37
C GLY A 93 -21.20 0.91 -14.57
N LEU A 94 -20.54 -0.23 -14.85
CA LEU A 94 -21.18 -1.52 -15.16
C LEU A 94 -21.49 -2.39 -13.96
N LEU A 95 -21.00 -1.99 -12.78
CA LEU A 95 -21.14 -2.81 -11.58
C LEU A 95 -21.91 -2.16 -10.44
N GLU A 96 -22.53 -3.00 -9.60
CA GLU A 96 -23.24 -2.60 -8.40
C GLU A 96 -22.20 -2.40 -7.29
N PRO A 97 -22.33 -1.38 -6.41
CA PRO A 97 -21.39 -1.29 -5.28
C PRO A 97 -21.57 -2.49 -4.33
N ILE A 98 -20.45 -3.04 -3.80
CA ILE A 98 -20.51 -4.19 -2.88
C ILE A 98 -21.22 -3.75 -1.58
N ASP A 99 -22.17 -4.57 -1.11
CA ASP A 99 -22.81 -4.30 0.16
C ASP A 99 -21.89 -4.84 1.28
N TYR A 100 -21.17 -3.91 1.94
CA TYR A 100 -20.24 -4.29 3.01
C TYR A 100 -20.93 -4.51 4.37
N SER A 101 -22.26 -4.42 4.42
CA SER A 101 -22.98 -4.80 5.63
C SER A 101 -23.19 -6.33 5.54
N VAL A 102 -23.14 -6.88 4.31
CA VAL A 102 -23.31 -8.31 3.99
C VAL A 102 -21.94 -9.00 3.81
N VAL A 103 -21.05 -8.40 3.01
CA VAL A 103 -19.71 -8.96 2.83
C VAL A 103 -18.91 -8.52 4.05
N LYS A 104 -18.74 -9.47 4.98
CA LYS A 104 -18.06 -9.29 6.26
C LYS A 104 -16.82 -10.21 6.32
N ALA A 105 -15.67 -9.63 5.95
CA ALA A 105 -14.41 -10.36 5.89
C ALA A 105 -13.22 -9.48 6.31
N ASP A 106 -13.04 -9.32 7.66
CA ASP A 106 -11.96 -8.53 8.26
C ASP A 106 -10.55 -9.15 8.07
N ASN A 107 -10.50 -10.42 7.67
CA ASN A 107 -9.30 -11.21 7.36
C ASN A 107 -8.94 -11.16 5.85
N VAL A 108 -9.67 -10.35 5.07
CA VAL A 108 -9.35 -10.09 3.67
C VAL A 108 -8.82 -8.64 3.67
N PRO A 109 -7.53 -8.39 3.32
CA PRO A 109 -7.01 -7.00 3.37
C PRO A 109 -7.91 -5.97 2.72
N GLU A 110 -8.02 -4.79 3.36
CA GLU A 110 -8.92 -3.69 2.92
C GLU A 110 -8.67 -3.28 1.47
N ASN A 111 -7.41 -3.42 0.96
CA ASN A 111 -7.12 -3.07 -0.43
C ASN A 111 -7.82 -4.01 -1.45
N PHE A 112 -8.16 -5.27 -1.06
CA PHE A 112 -8.93 -6.19 -1.89
C PHE A 112 -10.43 -5.90 -1.80
N ARG A 113 -10.89 -5.34 -0.67
CA ARG A 113 -12.28 -4.99 -0.42
C ARG A 113 -12.58 -3.59 -1.02
N THR A 114 -12.76 -3.55 -2.35
CA THR A 114 -12.98 -2.31 -3.13
C THR A 114 -14.48 -1.97 -3.21
N LYS A 115 -14.79 -0.73 -3.63
CA LYS A 115 -16.16 -0.24 -3.79
C LYS A 115 -17.03 -1.15 -4.67
N TYR A 116 -16.51 -1.61 -5.83
CA TYR A 116 -17.28 -2.40 -6.79
C TYR A 116 -16.87 -3.86 -6.95
N GLY A 117 -15.93 -4.34 -6.14
CA GLY A 117 -15.48 -5.72 -6.23
C GLY A 117 -14.61 -6.19 -5.09
N VAL A 118 -14.61 -7.49 -4.83
CA VAL A 118 -13.82 -8.06 -3.74
C VAL A 118 -12.75 -8.98 -4.35
N GLY A 119 -11.49 -8.62 -4.12
CA GLY A 119 -10.34 -9.41 -4.56
C GLY A 119 -10.33 -10.72 -3.80
N TYR A 120 -10.50 -11.85 -4.52
CA TYR A 120 -10.62 -13.14 -3.86
C TYR A 120 -9.53 -14.11 -4.21
N MET A 121 -8.75 -13.79 -5.25
CA MET A 121 -7.72 -14.69 -5.72
C MET A 121 -6.54 -13.91 -6.31
N VAL A 122 -5.34 -14.47 -6.14
CA VAL A 122 -4.10 -13.95 -6.69
C VAL A 122 -3.57 -15.01 -7.63
N PHE A 123 -3.35 -14.64 -8.89
CA PHE A 123 -2.93 -15.63 -9.88
C PHE A 123 -1.77 -15.20 -10.75
N GLY A 124 -0.88 -16.14 -11.03
CA GLY A 124 0.24 -15.95 -11.93
C GLY A 124 -0.08 -16.47 -13.32
N THR A 125 0.50 -15.82 -14.36
CA THR A 125 0.41 -16.23 -15.75
C THR A 125 1.85 -16.56 -16.13
N ASN A 126 2.10 -17.82 -16.50
CA ASN A 126 3.44 -18.34 -16.72
C ASN A 126 3.74 -18.91 -18.10
N LEU A 127 5.02 -18.86 -18.45
CA LEU A 127 5.58 -19.45 -19.66
C LEU A 127 5.69 -20.97 -19.38
N ALA A 128 5.02 -21.78 -20.20
CA ALA A 128 5.01 -23.25 -20.08
C ALA A 128 5.45 -23.89 -21.41
N TRP A 129 6.11 -25.05 -21.32
CA TRP A 129 6.62 -25.77 -22.49
C TRP A 129 6.37 -27.26 -22.40
N ASN A 130 6.25 -27.90 -23.57
CA ASN A 130 6.12 -29.34 -23.68
C ASN A 130 7.54 -29.90 -23.46
N LYS A 131 7.70 -30.81 -22.48
CA LYS A 131 9.01 -31.38 -22.12
C LYS A 131 9.63 -32.28 -23.19
N ASP A 132 8.81 -32.90 -24.06
CA ASP A 132 9.31 -33.75 -25.13
C ASP A 132 9.93 -32.92 -26.28
N LYS A 133 9.34 -31.74 -26.54
CA LYS A 133 9.79 -30.79 -27.55
C LYS A 133 10.98 -29.95 -27.01
N PHE A 134 10.93 -29.58 -25.70
CA PHE A 134 11.94 -28.77 -25.02
C PHE A 134 12.36 -29.39 -23.66
N PRO A 135 13.30 -30.39 -23.67
CA PRO A 135 13.72 -31.00 -22.39
C PRO A 135 14.51 -30.08 -21.47
N ASN A 136 15.20 -29.08 -22.05
CA ASN A 136 15.99 -28.11 -21.29
C ASN A 136 15.19 -26.84 -20.97
N GLY A 137 13.90 -26.84 -21.31
CA GLY A 137 13.00 -25.72 -21.02
C GLY A 137 13.07 -24.58 -22.00
N VAL A 138 12.25 -23.54 -21.77
CA VAL A 138 12.15 -22.34 -22.59
C VAL A 138 12.16 -21.13 -21.67
N THR A 139 12.99 -20.12 -21.98
CA THR A 139 13.08 -18.88 -21.21
C THR A 139 12.21 -17.85 -21.96
N PRO A 140 11.78 -16.72 -21.32
CA PRO A 140 11.02 -15.69 -22.09
C PRO A 140 11.79 -15.17 -23.31
N ALA A 141 13.14 -15.08 -23.23
CA ALA A 141 13.97 -14.64 -24.37
C ALA A 141 13.84 -15.64 -25.55
N GLN A 142 13.88 -16.96 -25.26
CA GLN A 142 13.71 -18.01 -26.26
C GLN A 142 12.31 -18.03 -26.87
N PHE A 143 11.25 -17.68 -26.09
CA PHE A 143 9.88 -17.61 -26.62
C PHE A 143 9.82 -16.58 -27.76
N PHE A 144 10.53 -15.45 -27.62
CA PHE A 144 10.52 -14.38 -28.62
C PHE A 144 11.74 -14.46 -29.59
N ASP A 145 12.39 -15.64 -29.65
CA ASP A 145 13.50 -15.87 -30.55
C ASP A 145 12.96 -16.58 -31.82
N PRO A 146 13.00 -15.93 -33.01
CA PRO A 146 12.54 -16.60 -34.24
C PRO A 146 13.19 -17.97 -34.54
N ASN A 147 14.43 -18.19 -34.07
CA ASN A 147 15.19 -19.42 -34.26
C ASN A 147 14.74 -20.61 -33.41
N VAL A 148 13.99 -20.34 -32.34
CA VAL A 148 13.40 -21.35 -31.46
C VAL A 148 12.10 -21.77 -32.17
N LYS A 149 12.04 -23.04 -32.62
CA LYS A 149 10.91 -23.54 -33.40
C LYS A 149 9.88 -24.27 -32.54
N GLY A 150 8.64 -23.78 -32.59
CA GLY A 150 7.54 -24.37 -31.82
C GLY A 150 6.23 -23.62 -31.91
N ARG A 151 5.13 -24.38 -31.86
CA ARG A 151 3.76 -23.87 -31.90
C ARG A 151 3.47 -23.09 -30.61
N ARG A 152 3.40 -21.76 -30.74
CA ARG A 152 3.19 -20.85 -29.61
C ARG A 152 1.74 -20.41 -29.45
N VAL A 153 1.30 -20.31 -28.18
CA VAL A 153 -0.06 -19.80 -27.86
C VAL A 153 0.09 -18.63 -26.91
N LEU A 154 -0.45 -17.48 -27.33
CA LEU A 154 -0.43 -16.29 -26.51
C LEU A 154 -1.83 -16.02 -25.96
N PRO A 155 -2.01 -15.19 -24.90
CA PRO A 155 -3.37 -14.87 -24.42
C PRO A 155 -4.20 -14.14 -25.48
N SER A 156 -5.54 -14.19 -25.34
CA SER A 156 -6.52 -13.62 -26.28
C SER A 156 -6.50 -12.08 -26.39
N ASP A 157 -6.20 -11.40 -25.29
CA ASP A 157 -6.17 -9.93 -25.23
C ASP A 157 -4.72 -9.38 -25.11
N ALA A 158 -4.55 -8.05 -25.26
CA ALA A 158 -3.27 -7.36 -25.12
C ALA A 158 -2.74 -7.49 -23.68
N THR A 159 -3.67 -7.55 -22.70
CA THR A 159 -3.32 -7.77 -21.30
C THR A 159 -2.54 -9.10 -21.16
N TYR A 160 -1.51 -9.13 -20.27
CA TYR A 160 -0.61 -10.27 -20.01
C TYR A 160 0.37 -10.46 -21.18
N SER A 161 -0.13 -10.47 -22.44
CA SER A 161 0.64 -10.60 -23.68
C SER A 161 1.76 -9.56 -23.80
N LEU A 162 1.42 -8.26 -23.69
CA LEU A 162 2.37 -7.15 -23.82
C LEU A 162 3.51 -7.18 -22.78
N GLU A 163 3.17 -7.46 -21.49
CA GLU A 163 4.12 -7.55 -20.37
C GLU A 163 5.09 -8.72 -20.57
N PHE A 164 4.57 -9.87 -21.09
CA PHE A 164 5.40 -11.05 -21.37
C PHE A 164 6.38 -10.74 -22.50
N ALA A 165 5.90 -10.10 -23.59
CA ALA A 165 6.72 -9.69 -24.74
C ALA A 165 7.86 -8.78 -24.30
N LEU A 166 7.54 -7.77 -23.46
CA LEU A 166 8.49 -6.80 -22.95
C LEU A 166 9.53 -7.43 -22.03
N MET A 167 9.12 -8.28 -21.06
CA MET A 167 10.04 -9.01 -20.15
C MET A 167 10.93 -9.98 -20.96
N GLY A 168 10.34 -10.60 -21.98
CA GLY A 168 11.01 -11.50 -22.91
C GLY A 168 12.10 -10.81 -23.71
N ASP A 169 11.87 -9.53 -24.08
CA ASP A 169 12.79 -8.67 -24.80
C ASP A 169 13.84 -7.98 -23.91
N GLY A 170 13.86 -8.32 -22.62
CA GLY A 170 14.85 -7.79 -21.68
C GLY A 170 14.46 -6.61 -20.83
N VAL A 171 13.17 -6.18 -20.88
CA VAL A 171 12.70 -5.09 -20.02
C VAL A 171 12.63 -5.68 -18.61
N LYS A 172 13.32 -5.02 -17.66
CA LYS A 172 13.35 -5.46 -16.26
C LYS A 172 11.93 -5.38 -15.67
N PRO A 173 11.51 -6.39 -14.88
CA PRO A 173 10.13 -6.36 -14.33
C PRO A 173 9.78 -5.04 -13.67
N ALA A 174 10.72 -4.44 -12.90
CA ALA A 174 10.57 -3.14 -12.23
C ALA A 174 10.36 -1.95 -13.22
N ASP A 175 10.86 -2.08 -14.46
CA ASP A 175 10.79 -1.03 -15.49
C ASP A 175 9.64 -1.16 -16.52
N LEU A 176 8.71 -2.13 -16.31
CA LEU A 176 7.60 -2.46 -17.22
C LEU A 176 6.67 -1.28 -17.54
N TYR A 177 6.10 -0.65 -16.50
CA TYR A 177 5.12 0.40 -16.66
C TYR A 177 5.72 1.82 -16.60
N PRO A 178 5.32 2.75 -17.50
CA PRO A 178 4.30 2.61 -18.57
C PRO A 178 4.76 1.69 -19.70
N LEU A 179 3.90 0.74 -20.11
CA LEU A 179 4.23 -0.25 -21.16
C LEU A 179 4.59 0.40 -22.48
N ASP A 180 5.73 0.00 -23.05
CA ASP A 180 6.16 0.43 -24.37
C ASP A 180 5.44 -0.49 -25.37
N VAL A 181 4.20 -0.12 -25.75
CA VAL A 181 3.31 -0.90 -26.62
C VAL A 181 3.95 -1.18 -27.99
N LYS A 182 4.50 -0.13 -28.64
CA LYS A 182 5.19 -0.20 -29.94
C LYS A 182 6.26 -1.28 -29.93
N ARG A 183 7.15 -1.27 -28.90
CA ARG A 183 8.22 -2.26 -28.72
C ARG A 183 7.64 -3.67 -28.53
N ALA A 184 6.66 -3.83 -27.60
CA ALA A 184 5.99 -5.11 -27.29
C ALA A 184 5.47 -5.80 -28.55
N LEU A 185 4.82 -5.04 -29.44
CA LEU A 185 4.23 -5.52 -30.69
C LEU A 185 5.30 -5.89 -31.73
N LYS A 186 6.43 -5.15 -31.74
CA LYS A 186 7.60 -5.43 -32.60
C LYS A 186 8.30 -6.71 -32.09
N VAL A 187 8.19 -6.98 -30.77
CA VAL A 187 8.72 -8.18 -30.11
C VAL A 187 7.89 -9.40 -30.50
N ILE A 188 6.55 -9.28 -30.41
CA ILE A 188 5.63 -10.36 -30.80
C ILE A 188 5.82 -10.64 -32.33
N ASP A 189 6.04 -9.57 -33.14
CA ASP A 189 6.29 -9.59 -34.58
C ASP A 189 7.42 -10.58 -34.95
N ARG A 190 8.44 -10.75 -34.08
CA ARG A 190 9.57 -11.67 -34.30
C ARG A 190 9.11 -13.13 -34.41
N VAL A 191 8.07 -13.53 -33.65
CA VAL A 191 7.58 -14.92 -33.65
C VAL A 191 6.09 -15.03 -34.04
N LYS A 192 5.48 -13.94 -34.56
CA LYS A 192 4.06 -13.87 -34.95
C LYS A 192 3.64 -15.02 -35.90
N ASP A 193 4.50 -15.37 -36.88
CA ASP A 193 4.29 -16.48 -37.83
C ASP A 193 4.28 -17.86 -37.14
N GLN A 194 4.85 -17.96 -35.92
CA GLN A 194 4.86 -19.22 -35.15
C GLN A 194 3.76 -19.28 -34.07
N VAL A 195 3.04 -18.15 -33.87
CA VAL A 195 1.95 -18.05 -32.89
C VAL A 195 0.68 -18.60 -33.55
N ILE A 196 0.27 -19.82 -33.14
CA ILE A 196 -0.90 -20.52 -33.68
C ILE A 196 -2.25 -19.91 -33.21
N GLY A 197 -2.23 -19.11 -32.16
CA GLY A 197 -3.45 -18.48 -31.66
C GLY A 197 -3.28 -17.53 -30.49
N TYR A 198 -4.34 -16.74 -30.23
CA TYR A 198 -4.46 -15.76 -29.15
C TYR A 198 -5.72 -16.25 -28.43
N LYS A 199 -5.52 -17.13 -27.43
CA LYS A 199 -6.59 -17.87 -26.77
C LYS A 199 -6.82 -17.61 -25.30
N GLY A 200 -8.04 -17.94 -24.88
CA GLY A 200 -8.49 -17.95 -23.49
C GLY A 200 -7.91 -19.17 -22.80
N ALA A 201 -7.96 -19.19 -21.46
CA ALA A 201 -7.41 -20.21 -20.58
C ALA A 201 -7.88 -21.66 -20.86
N SER A 202 -9.19 -21.85 -21.09
CA SER A 202 -9.80 -23.16 -21.40
C SER A 202 -9.27 -23.70 -22.74
N ASP A 203 -9.16 -22.82 -23.76
CA ASP A 203 -8.64 -23.18 -25.08
C ASP A 203 -7.17 -23.55 -24.98
N ILE A 204 -6.37 -22.80 -24.17
CA ILE A 204 -4.95 -23.08 -23.94
C ILE A 204 -4.75 -24.45 -23.27
N GLN A 205 -5.51 -24.76 -22.19
CA GLN A 205 -5.35 -26.05 -21.49
C GLN A 205 -5.66 -27.24 -22.41
N ALA A 206 -6.72 -27.13 -23.24
CA ALA A 206 -7.10 -28.15 -24.23
C ALA A 206 -5.98 -28.34 -25.26
N LEU A 207 -5.36 -27.23 -25.74
CA LEU A 207 -4.25 -27.32 -26.71
C LEU A 207 -3.03 -28.05 -26.12
N MET A 208 -2.75 -27.83 -24.80
CA MET A 208 -1.65 -28.47 -24.05
C MET A 208 -1.94 -29.97 -23.88
N GLN A 209 -3.16 -30.31 -23.43
CA GLN A 209 -3.55 -31.70 -23.21
C GLN A 209 -3.63 -32.49 -24.52
N GLN A 210 -4.05 -31.82 -25.62
CA GLN A 210 -4.15 -32.42 -26.95
C GLN A 210 -2.81 -32.46 -27.71
N GLY A 211 -1.80 -31.79 -27.14
CA GLY A 211 -0.47 -31.69 -27.72
C GLY A 211 -0.45 -30.96 -29.03
N GLU A 212 -1.27 -29.89 -29.13
CA GLU A 212 -1.44 -29.04 -30.30
C GLU A 212 -0.65 -27.72 -30.23
N ALA A 213 0.13 -27.55 -29.15
CA ALA A 213 0.98 -26.40 -28.91
C ALA A 213 2.25 -26.93 -28.25
N ASP A 214 3.35 -26.16 -28.29
CA ASP A 214 4.63 -26.55 -27.72
C ASP A 214 5.06 -25.61 -26.61
N ILE A 215 4.68 -24.33 -26.72
CA ILE A 215 5.00 -23.26 -25.76
C ILE A 215 3.79 -22.34 -25.57
N VAL A 216 3.40 -22.06 -24.31
CA VAL A 216 2.23 -21.22 -23.98
C VAL A 216 2.52 -20.20 -22.85
N TYR A 217 1.62 -19.22 -22.67
CA TYR A 217 1.67 -18.24 -21.58
C TYR A 217 0.26 -18.28 -20.98
N ALA A 218 0.10 -19.01 -19.87
CA ALA A 218 -1.20 -19.27 -19.26
C ALA A 218 -1.16 -19.30 -17.74
N GLY A 219 -2.35 -19.26 -17.12
CA GLY A 219 -2.53 -19.35 -15.67
C GLY A 219 -1.84 -20.56 -15.09
N THR A 220 -1.10 -20.36 -13.97
CA THR A 220 -0.34 -21.42 -13.29
C THR A 220 -1.20 -22.67 -13.02
N GLY A 221 -2.44 -22.43 -12.57
CA GLY A 221 -3.40 -23.46 -12.24
C GLY A 221 -3.81 -24.30 -13.44
N ARG A 222 -3.98 -23.63 -14.62
CA ARG A 222 -4.29 -24.32 -15.89
C ARG A 222 -3.15 -25.25 -16.30
N ILE A 223 -1.90 -24.79 -16.14
CA ILE A 223 -0.67 -25.53 -16.47
C ILE A 223 -0.54 -26.75 -15.57
N LYS A 224 -0.62 -26.53 -14.25
CA LYS A 224 -0.52 -27.60 -13.26
C LYS A 224 -1.65 -28.62 -13.37
N ASN A 225 -2.87 -28.18 -13.73
CA ASN A 225 -4.01 -29.10 -13.92
C ASN A 225 -3.87 -29.95 -15.18
N ALA A 226 -3.28 -29.38 -16.25
CA ALA A 226 -2.97 -30.09 -17.48
C ALA A 226 -1.93 -31.20 -17.17
N ILE A 227 -0.90 -30.89 -16.33
CA ILE A 227 0.15 -31.82 -15.92
C ILE A 227 -0.46 -32.99 -15.11
N LYS A 228 -1.31 -32.65 -14.11
CA LYS A 228 -2.07 -33.59 -13.26
C LYS A 228 -2.85 -34.58 -14.14
N ALA A 229 -3.47 -34.05 -15.22
CA ALA A 229 -4.24 -34.81 -16.22
C ALA A 229 -3.37 -35.61 -17.22
N GLY A 230 -2.04 -35.51 -17.13
CA GLY A 230 -1.14 -36.29 -17.97
C GLY A 230 -0.28 -35.58 -18.99
N ALA A 231 -0.38 -34.24 -19.09
CA ALA A 231 0.42 -33.45 -20.04
C ALA A 231 1.85 -33.36 -19.54
N ASN A 232 2.81 -33.90 -20.31
CA ASN A 232 4.24 -33.86 -19.98
C ASN A 232 4.83 -32.48 -20.30
N TRP A 233 4.38 -31.49 -19.51
CA TRP A 233 4.77 -30.08 -19.63
C TRP A 233 5.41 -29.59 -18.37
N SER A 234 6.20 -28.52 -18.49
CA SER A 234 6.78 -27.82 -17.36
C SER A 234 6.65 -26.30 -17.55
N TYR A 235 7.03 -25.52 -16.53
CA TYR A 235 6.89 -24.07 -16.53
C TYR A 235 7.90 -23.43 -15.59
N SER A 236 7.99 -22.10 -15.64
CA SER A 236 8.87 -21.32 -14.76
C SER A 236 8.12 -20.06 -14.29
N TRP A 237 8.75 -19.31 -13.37
CA TRP A 237 8.26 -18.03 -12.89
C TRP A 237 9.00 -16.88 -13.63
N GLU A 238 9.93 -17.21 -14.55
CA GLU A 238 10.68 -16.22 -15.35
C GLU A 238 9.71 -15.52 -16.31
N GLY A 239 9.62 -14.19 -16.16
CA GLY A 239 8.73 -13.37 -16.95
C GLY A 239 7.25 -13.60 -16.70
N ALA A 240 6.89 -14.18 -15.54
CA ALA A 240 5.51 -14.41 -15.15
C ALA A 240 4.86 -13.11 -14.71
N LEU A 241 3.55 -13.02 -14.87
CA LEU A 241 2.80 -11.85 -14.47
C LEU A 241 1.71 -12.22 -13.48
N ALA A 242 1.75 -11.60 -12.28
CA ALA A 242 0.79 -11.84 -11.21
C ALA A 242 -0.38 -10.84 -11.28
N ASP A 243 -1.58 -11.31 -11.02
CA ASP A 243 -2.76 -10.46 -11.05
C ASP A 243 -3.78 -10.82 -9.97
N THR A 244 -4.75 -9.93 -9.73
CA THR A 244 -5.81 -10.15 -8.75
C THR A 244 -7.13 -10.38 -9.49
N GLU A 245 -7.88 -11.39 -9.04
CA GLU A 245 -9.20 -11.77 -9.54
C GLU A 245 -10.26 -11.25 -8.54
N TYR A 246 -11.34 -10.66 -9.06
CA TYR A 246 -12.41 -10.05 -8.26
C TYR A 246 -13.80 -10.66 -8.44
N TRP A 247 -14.59 -10.67 -7.35
CA TRP A 247 -15.98 -11.05 -7.45
C TRP A 247 -16.70 -9.69 -7.63
N ALA A 248 -17.57 -9.57 -8.62
CA ALA A 248 -18.33 -8.34 -8.88
C ALA A 248 -19.77 -8.68 -9.29
N VAL A 249 -20.66 -7.72 -9.20
CA VAL A 249 -22.08 -7.89 -9.46
C VAL A 249 -22.48 -6.91 -10.57
N PRO A 250 -22.89 -7.41 -11.76
CA PRO A 250 -23.29 -6.49 -12.84
C PRO A 250 -24.46 -5.60 -12.43
N LYS A 251 -24.41 -4.33 -12.87
CA LYS A 251 -25.46 -3.34 -12.61
C LYS A 251 -26.76 -3.84 -13.25
N GLY A 252 -27.81 -3.90 -12.45
CA GLY A 252 -29.09 -4.43 -12.88
C GLY A 252 -29.23 -5.92 -12.70
N ALA A 253 -28.26 -6.60 -12.00
CA ALA A 253 -28.34 -8.04 -11.72
C ALA A 253 -29.68 -8.38 -10.99
N PRO A 254 -30.46 -9.34 -11.49
CA PRO A 254 -31.76 -9.63 -10.86
C PRO A 254 -31.67 -10.11 -9.39
N HIS A 255 -30.55 -10.74 -9.03
CA HIS A 255 -30.32 -11.26 -7.69
C HIS A 255 -29.09 -10.59 -7.06
N ALA A 256 -29.01 -9.24 -7.12
CA ALA A 256 -27.89 -8.45 -6.58
C ALA A 256 -27.66 -8.65 -5.09
N ALA A 257 -28.76 -8.75 -4.28
CA ALA A 257 -28.68 -8.96 -2.84
C ALA A 257 -28.11 -10.37 -2.50
N GLU A 258 -28.59 -11.43 -3.22
CA GLU A 258 -28.09 -12.80 -3.03
C GLU A 258 -26.63 -12.94 -3.47
N ALA A 259 -26.24 -12.14 -4.46
CA ALA A 259 -24.88 -12.12 -4.99
C ALA A 259 -23.89 -11.71 -3.87
N MET A 260 -24.31 -10.74 -3.02
CA MET A 260 -23.53 -10.21 -1.90
C MET A 260 -23.37 -11.31 -0.85
N LYS A 261 -24.43 -12.12 -0.65
CA LYS A 261 -24.42 -13.25 0.28
C LYS A 261 -23.44 -14.34 -0.25
N PHE A 262 -23.48 -14.70 -1.57
CA PHE A 262 -22.49 -15.63 -2.16
C PHE A 262 -21.06 -15.10 -1.93
N ILE A 263 -20.81 -13.81 -2.26
CA ILE A 263 -19.47 -13.18 -2.18
C ILE A 263 -18.93 -13.28 -0.76
N ASN A 264 -19.80 -12.97 0.26
CA ASN A 264 -19.48 -13.09 1.68
C ASN A 264 -19.01 -14.50 2.01
N PHE A 265 -19.80 -15.52 1.62
CA PHE A 265 -19.49 -16.94 1.80
C PHE A 265 -18.11 -17.32 1.18
N ALA A 266 -17.94 -17.00 -0.10
CA ALA A 266 -16.76 -17.36 -0.90
C ALA A 266 -15.41 -16.79 -0.39
N VAL A 267 -15.41 -15.60 0.22
CA VAL A 267 -14.16 -14.94 0.62
C VAL A 267 -13.67 -15.35 2.03
N GLN A 268 -14.43 -16.23 2.73
CA GLN A 268 -14.09 -16.78 4.04
C GLN A 268 -12.94 -17.78 3.91
N ALA A 269 -12.17 -18.01 5.00
CA ALA A 269 -10.96 -18.86 5.01
C ALA A 269 -11.13 -20.27 4.43
N GLU A 270 -12.18 -21.03 4.85
CA GLU A 270 -12.41 -22.40 4.36
C GLU A 270 -12.67 -22.45 2.83
N PRO A 271 -13.61 -21.70 2.21
CA PRO A 271 -13.74 -21.80 0.73
C PRO A 271 -12.49 -21.35 -0.03
N GLN A 272 -11.80 -20.30 0.45
CA GLN A 272 -10.55 -19.76 -0.13
C GLN A 272 -9.44 -20.83 -0.10
N ALA A 273 -9.32 -21.58 1.03
CA ALA A 273 -8.33 -22.66 1.18
C ALA A 273 -8.67 -23.87 0.28
N GLU A 274 -9.97 -24.17 0.11
CA GLU A 274 -10.47 -25.25 -0.75
C GLU A 274 -10.16 -24.94 -2.23
N LEU A 275 -10.25 -23.67 -2.64
CA LEU A 275 -9.89 -23.27 -4.01
C LEU A 275 -8.40 -23.62 -4.27
N THR A 276 -7.49 -23.13 -3.40
CA THR A 276 -6.04 -23.32 -3.54
C THR A 276 -5.67 -24.82 -3.53
N ARG A 277 -6.38 -25.65 -2.72
CA ARG A 277 -6.15 -27.10 -2.65
C ARG A 277 -6.32 -27.78 -4.02
N VAL A 278 -7.36 -27.38 -4.78
CA VAL A 278 -7.69 -27.99 -6.07
C VAL A 278 -6.91 -27.34 -7.25
N ILE A 279 -6.64 -26.02 -7.20
CA ILE A 279 -5.97 -25.32 -8.30
C ILE A 279 -4.89 -24.37 -7.75
N ALA A 280 -3.73 -24.34 -8.41
CA ALA A 280 -2.56 -23.55 -8.00
C ALA A 280 -2.68 -22.02 -8.17
N TYR A 281 -3.70 -21.44 -7.54
CA TYR A 281 -3.96 -20.00 -7.47
C TYR A 281 -4.06 -19.68 -5.98
N GLY A 282 -3.64 -18.47 -5.62
CA GLY A 282 -3.54 -18.05 -4.23
C GLY A 282 -4.73 -17.33 -3.61
N PRO A 283 -4.91 -17.42 -2.27
CA PRO A 283 -6.02 -16.70 -1.63
C PRO A 283 -5.72 -15.25 -1.24
N THR A 284 -6.78 -14.42 -1.04
CA THR A 284 -6.61 -13.04 -0.54
C THR A 284 -6.89 -13.01 0.99
N ASN A 285 -7.72 -13.98 1.49
CA ASN A 285 -8.00 -14.16 2.90
C ASN A 285 -6.69 -14.66 3.57
N VAL A 286 -6.19 -13.87 4.57
CA VAL A 286 -4.93 -14.12 5.29
C VAL A 286 -4.97 -15.42 6.15
N ASP A 287 -6.19 -15.90 6.48
CA ASP A 287 -6.37 -17.12 7.28
C ASP A 287 -6.51 -18.41 6.46
N ALA A 288 -6.48 -18.31 5.12
CA ALA A 288 -6.61 -19.50 4.28
C ALA A 288 -5.34 -20.38 4.24
N LEU A 289 -4.14 -19.81 3.98
CA LEU A 289 -2.88 -20.59 3.84
C LEU A 289 -2.53 -21.53 5.00
N ARG A 290 -2.80 -21.16 6.28
CA ARG A 290 -2.54 -22.02 7.45
C ARG A 290 -3.40 -23.33 7.43
N LEU A 291 -4.47 -23.36 6.64
CA LEU A 291 -5.34 -24.53 6.44
C LEU A 291 -4.74 -25.50 5.39
N LEU A 292 -3.76 -25.01 4.66
CA LEU A 292 -3.17 -25.73 3.56
C LEU A 292 -1.81 -26.34 3.85
N ASP A 293 -1.39 -27.24 2.94
CA ASP A 293 -0.09 -27.93 2.92
C ASP A 293 0.99 -26.80 2.81
N PRO A 294 2.02 -26.75 3.70
CA PRO A 294 3.05 -25.68 3.59
C PRO A 294 3.67 -25.53 2.19
N ALA A 295 3.78 -26.65 1.45
CA ALA A 295 4.33 -26.74 0.10
C ALA A 295 3.56 -25.92 -0.98
N VAL A 296 2.23 -25.68 -0.76
CA VAL A 296 1.40 -24.91 -1.71
C VAL A 296 1.89 -23.44 -1.89
N ALA A 297 2.58 -22.89 -0.86
CA ALA A 297 3.14 -21.55 -0.84
C ALA A 297 4.17 -21.34 -1.95
N LYS A 298 4.96 -22.39 -2.25
CA LYS A 298 6.01 -22.41 -3.27
C LYS A 298 5.47 -22.32 -4.73
N ASP A 299 4.17 -22.65 -4.94
CA ASP A 299 3.54 -22.62 -6.26
C ASP A 299 2.74 -21.33 -6.49
N LEU A 300 2.90 -20.34 -5.59
CA LEU A 300 2.17 -19.06 -5.63
C LEU A 300 3.03 -17.86 -6.05
N PRO A 301 2.43 -16.79 -6.67
CA PRO A 301 3.23 -15.65 -7.15
C PRO A 301 3.95 -14.83 -6.07
N SER A 302 3.37 -14.76 -4.86
CA SER A 302 3.90 -14.03 -3.72
C SER A 302 5.15 -14.67 -3.12
N TYR A 303 5.42 -15.97 -3.43
CA TYR A 303 6.61 -16.68 -2.93
C TYR A 303 7.86 -15.91 -3.38
N PRO A 304 8.72 -15.45 -2.44
CA PRO A 304 9.87 -14.62 -2.82
C PRO A 304 10.71 -15.11 -4.00
N ALA A 305 11.02 -16.43 -4.06
CA ALA A 305 11.82 -17.02 -5.15
C ALA A 305 11.11 -16.89 -6.50
N ASN A 306 9.75 -16.88 -6.49
CA ASN A 306 8.92 -16.74 -7.68
C ASN A 306 8.79 -15.27 -8.09
N ALA A 307 8.44 -14.39 -7.13
CA ALA A 307 8.18 -12.95 -7.29
C ALA A 307 9.30 -12.16 -7.97
N LYS A 308 10.56 -12.45 -7.58
CA LYS A 308 11.76 -11.80 -8.10
C LYS A 308 12.00 -12.05 -9.60
N LEU A 309 11.44 -13.13 -10.15
CA LEU A 309 11.61 -13.53 -11.56
C LEU A 309 10.61 -12.88 -12.54
N GLY A 310 9.52 -12.33 -12.00
CA GLY A 310 8.50 -11.69 -12.82
C GLY A 310 8.02 -10.37 -12.27
N ALA A 311 6.79 -10.00 -12.63
CA ALA A 311 6.19 -8.73 -12.21
C ALA A 311 4.72 -8.89 -11.80
N VAL A 312 4.12 -7.80 -11.30
CA VAL A 312 2.71 -7.72 -10.91
C VAL A 312 2.02 -6.78 -11.89
N LEU A 313 0.93 -7.21 -12.50
CA LEU A 313 0.15 -6.38 -13.42
C LEU A 313 -0.28 -5.08 -12.74
N ASN A 314 -0.04 -3.95 -13.43
CA ASN A 314 -0.39 -2.64 -12.94
C ASN A 314 -1.77 -2.30 -13.52
N SER A 315 -2.82 -2.40 -12.68
CA SER A 315 -4.20 -2.15 -13.13
C SER A 315 -4.51 -0.66 -13.37
N LYS A 316 -3.75 0.24 -12.70
CA LYS A 316 -3.82 1.69 -12.88
C LYS A 316 -3.40 2.04 -14.34
N TRP A 317 -2.32 1.40 -14.84
CA TRP A 317 -1.88 1.60 -16.23
C TRP A 317 -2.95 1.11 -17.20
N TRP A 318 -3.46 -0.11 -17.02
CA TRP A 318 -4.50 -0.65 -17.88
C TRP A 318 -5.80 0.16 -17.83
N ASN A 319 -6.13 0.72 -16.64
CA ASN A 319 -7.34 1.54 -16.45
C ASN A 319 -7.32 2.76 -17.40
N ASP A 320 -6.16 3.42 -17.50
CA ASP A 320 -5.91 4.59 -18.32
C ASP A 320 -5.65 4.27 -19.82
N ASN A 321 -5.11 3.08 -20.12
CA ASN A 321 -4.67 2.77 -21.48
C ASN A 321 -5.40 1.67 -22.24
N TYR A 322 -6.28 0.89 -21.59
CA TYR A 322 -6.94 -0.25 -22.22
C TYR A 322 -7.61 0.03 -23.59
N ASP A 323 -8.46 1.06 -23.68
CA ASP A 323 -9.19 1.42 -24.92
C ASP A 323 -8.26 1.65 -26.13
N ALA A 324 -7.23 2.48 -25.98
CA ALA A 324 -6.25 2.76 -27.04
C ALA A 324 -5.48 1.48 -27.44
N VAL A 325 -5.02 0.71 -26.44
CA VAL A 325 -4.25 -0.53 -26.65
C VAL A 325 -5.11 -1.59 -27.37
N LYS A 326 -6.39 -1.74 -26.95
CA LYS A 326 -7.34 -2.68 -27.52
C LYS A 326 -7.61 -2.38 -29.01
N ALA A 327 -7.77 -1.08 -29.37
CA ALA A 327 -8.00 -0.62 -30.74
C ALA A 327 -6.85 -1.07 -31.66
N GLU A 328 -5.61 -1.00 -31.14
CA GLU A 328 -4.42 -1.44 -31.87
C GLU A 328 -4.31 -2.99 -31.90
N TRP A 329 -4.52 -3.67 -30.76
CA TRP A 329 -4.46 -5.14 -30.61
C TRP A 329 -5.40 -5.88 -31.55
N THR A 330 -6.66 -5.39 -31.70
CA THR A 330 -7.67 -6.01 -32.56
C THR A 330 -7.15 -6.06 -33.99
N THR A 331 -6.69 -4.91 -34.52
CA THR A 331 -6.12 -4.76 -35.87
C THR A 331 -4.81 -5.55 -35.98
N TYR A 332 -4.00 -5.59 -34.89
CA TYR A 332 -2.73 -6.32 -34.84
C TYR A 332 -2.93 -7.84 -35.03
N ILE A 333 -3.81 -8.49 -34.25
CA ILE A 333 -3.98 -9.94 -34.35
C ILE A 333 -4.77 -10.33 -35.64
N MET A 334 -5.49 -9.36 -36.26
CA MET A 334 -6.20 -9.58 -37.53
C MET A 334 -5.24 -9.38 -38.74
N GLN A 335 -3.91 -9.31 -38.45
CA GLN A 335 -2.78 -9.10 -39.38
C GLN A 335 -2.96 -7.87 -40.26
N MET B 21 20.78 18.33 -11.67
CA MET B 21 20.79 17.49 -12.87
C MET B 21 21.33 16.07 -12.59
N MET B 22 21.14 15.60 -11.37
CA MET B 22 21.58 14.26 -10.95
C MET B 22 20.39 13.31 -10.88
N ALA B 23 20.64 12.00 -11.13
CA ALA B 23 19.61 10.98 -11.18
C ALA B 23 19.45 10.29 -9.81
N ASP B 24 18.90 11.04 -8.84
CA ASP B 24 18.68 10.58 -7.48
C ASP B 24 17.51 11.23 -6.78
N LEU B 25 16.69 10.40 -6.13
CA LEU B 25 15.52 10.85 -5.39
C LEU B 25 15.97 11.32 -4.01
N VAL B 26 15.98 12.64 -3.80
CA VAL B 26 16.42 13.25 -2.54
C VAL B 26 15.21 13.45 -1.60
N ILE B 27 15.24 12.79 -0.43
CA ILE B 27 14.17 12.83 0.57
C ILE B 27 14.65 13.51 1.87
N SER B 28 14.05 14.64 2.23
CA SER B 28 14.40 15.37 3.46
C SER B 28 13.56 15.01 4.66
N SER B 29 14.24 14.62 5.73
CA SER B 29 13.59 14.23 6.98
C SER B 29 14.31 14.83 8.22
N TYR B 30 14.18 14.17 9.39
CA TYR B 30 14.60 14.69 10.69
C TYR B 30 15.93 14.18 11.24
N GLY B 31 16.54 13.21 10.56
CA GLY B 31 17.82 12.62 10.99
C GLY B 31 17.65 11.61 12.10
N GLY B 32 18.77 11.17 12.65
CA GLY B 32 18.84 10.23 13.77
C GLY B 32 18.08 8.93 13.60
N SER B 33 17.56 8.38 14.70
CA SER B 33 16.85 7.10 14.74
C SER B 33 15.60 7.03 13.85
N PHE B 34 14.81 8.14 13.74
CA PHE B 34 13.62 8.19 12.90
C PHE B 34 13.98 8.06 11.42
N GLN B 35 15.02 8.77 10.96
CA GLN B 35 15.50 8.68 9.59
C GLN B 35 16.09 7.29 9.35
N ASP B 36 16.81 6.72 10.36
CA ASP B 36 17.33 5.36 10.27
C ASP B 36 16.16 4.39 10.00
N ALA B 37 15.03 4.56 10.74
CA ALA B 37 13.80 3.78 10.60
C ALA B 37 13.18 3.95 9.21
N GLN B 38 13.02 5.22 8.74
CA GLN B 38 12.51 5.54 7.40
C GLN B 38 13.38 4.92 6.29
N THR B 39 14.73 4.92 6.46
CA THR B 39 15.70 4.33 5.51
C THR B 39 15.49 2.82 5.39
N LYS B 40 15.30 2.13 6.53
CA LYS B 40 15.11 0.69 6.58
C LYS B 40 13.72 0.27 6.05
N ALA B 41 12.67 1.07 6.32
CA ALA B 41 11.30 0.74 5.90
C ALA B 41 10.87 1.24 4.52
N TYR B 42 11.32 2.46 4.15
CA TYR B 42 10.88 3.14 2.95
C TYR B 42 11.93 3.39 1.89
N PHE B 43 13.05 4.08 2.25
CA PHE B 43 14.11 4.49 1.31
C PHE B 43 14.81 3.31 0.66
N ASP B 44 15.49 2.43 1.47
CA ASP B 44 16.22 1.26 0.93
C ASP B 44 15.27 0.28 0.22
N PRO B 45 14.08 -0.09 0.79
CA PRO B 45 13.15 -0.96 0.03
C PRO B 45 12.69 -0.34 -1.29
N TYR B 46 12.39 0.99 -1.32
CA TYR B 46 12.01 1.64 -2.59
C TYR B 46 13.13 1.58 -3.65
N ALA B 47 14.37 1.84 -3.25
CA ALA B 47 15.59 1.80 -4.07
C ALA B 47 15.80 0.41 -4.64
N LYS B 48 15.59 -0.64 -3.82
CA LYS B 48 15.75 -2.05 -4.19
C LYS B 48 14.64 -2.50 -5.16
N ALA B 49 13.41 -2.00 -4.97
CA ALA B 49 12.26 -2.36 -5.80
C ALA B 49 12.26 -1.66 -7.17
N SER B 50 12.63 -0.37 -7.21
CA SER B 50 12.63 0.45 -8.44
C SER B 50 13.96 0.52 -9.18
N GLY B 51 15.08 0.33 -8.48
CA GLY B 51 16.42 0.47 -9.05
C GLY B 51 16.88 1.92 -8.99
N VAL B 52 16.04 2.81 -8.44
CA VAL B 52 16.30 4.26 -8.31
C VAL B 52 17.22 4.54 -7.11
N LYS B 53 18.12 5.52 -7.26
CA LYS B 53 18.98 6.00 -6.19
C LYS B 53 18.12 6.86 -5.23
N VAL B 54 17.98 6.40 -3.98
CA VAL B 54 17.20 7.09 -2.95
C VAL B 54 18.16 7.67 -1.88
N THR B 55 18.28 9.00 -1.85
CA THR B 55 19.17 9.71 -0.93
C THR B 55 18.38 10.46 0.16
N GLY B 56 18.55 9.99 1.39
CA GLY B 56 18.00 10.61 2.59
C GLY B 56 18.88 11.78 3.00
N THR B 57 18.24 12.91 3.31
CA THR B 57 18.88 14.14 3.77
C THR B 57 18.11 14.69 4.97
N THR B 58 18.63 15.76 5.60
CA THR B 58 18.00 16.40 6.76
C THR B 58 17.69 17.87 6.48
N GLY B 59 16.94 18.48 7.37
CA GLY B 59 16.58 19.89 7.29
C GLY B 59 15.11 20.19 7.08
N THR B 60 14.26 19.14 7.01
CA THR B 60 12.83 19.36 6.77
C THR B 60 12.22 20.31 7.82
N GLY B 61 11.38 21.20 7.32
CA GLY B 61 10.68 22.21 8.09
C GLY B 61 10.18 23.27 7.15
N TYR B 62 9.20 24.05 7.60
CA TYR B 62 8.59 25.12 6.82
C TYR B 62 9.58 26.22 6.36
N ALA B 63 10.45 26.74 7.28
CA ALA B 63 11.45 27.77 6.97
C ALA B 63 12.41 27.36 5.84
N LYS B 64 12.89 26.11 5.88
CA LYS B 64 13.81 25.55 4.88
C LYS B 64 13.16 25.30 3.54
N VAL B 65 11.94 24.72 3.53
CA VAL B 65 11.20 24.42 2.30
C VAL B 65 10.83 25.75 1.64
N LYS B 66 10.39 26.74 2.45
CA LYS B 66 10.03 28.09 1.97
C LYS B 66 11.21 28.76 1.26
N ALA B 67 12.41 28.73 1.86
CA ALA B 67 13.62 29.30 1.29
C ALA B 67 14.02 28.60 -0.03
N MET B 68 13.93 27.27 -0.07
CA MET B 68 14.29 26.45 -1.23
C MET B 68 13.32 26.65 -2.41
N VAL B 69 12.00 26.52 -2.17
CA VAL B 69 10.97 26.66 -3.20
C VAL B 69 10.97 28.10 -3.80
N GLU B 70 11.03 29.13 -2.94
CA GLU B 70 11.02 30.53 -3.36
C GLU B 70 12.30 30.96 -4.12
N SER B 71 13.46 30.31 -3.88
CA SER B 71 14.71 30.59 -4.61
C SER B 71 14.65 30.03 -6.03
N GLY B 72 13.90 28.95 -6.21
CA GLY B 72 13.76 28.28 -7.50
C GLY B 72 14.83 27.23 -7.70
N ASN B 73 15.63 26.94 -6.64
CA ASN B 73 16.70 25.96 -6.65
C ASN B 73 16.26 24.82 -5.74
N VAL B 74 15.35 23.98 -6.25
CA VAL B 74 14.77 22.87 -5.48
C VAL B 74 15.67 21.64 -5.55
N THR B 75 16.19 21.23 -4.39
CA THR B 75 17.06 20.05 -4.35
C THR B 75 16.38 18.88 -3.62
N TRP B 76 15.21 19.13 -3.02
CA TRP B 76 14.42 18.08 -2.34
C TRP B 76 13.26 17.65 -3.22
N ASP B 77 13.14 16.34 -3.43
CA ASP B 77 12.06 15.78 -4.24
C ASP B 77 10.88 15.34 -3.36
N VAL B 78 11.18 14.84 -2.13
CA VAL B 78 10.18 14.39 -1.14
C VAL B 78 10.57 14.97 0.23
N ILE B 79 9.57 15.46 0.97
CA ILE B 79 9.72 15.94 2.34
C ILE B 79 8.81 15.16 3.27
N SER B 80 9.21 15.08 4.54
CA SER B 80 8.40 14.55 5.60
C SER B 80 8.00 15.80 6.40
N ALA B 81 6.71 16.11 6.43
CA ALA B 81 6.20 17.29 7.11
C ALA B 81 5.19 16.96 8.22
N GLU B 82 5.45 17.47 9.44
CA GLU B 82 4.54 17.35 10.59
C GLU B 82 3.39 18.30 10.27
N SER B 83 2.16 17.96 10.72
CA SER B 83 0.96 18.73 10.37
C SER B 83 1.09 20.27 10.54
N PRO B 84 1.69 20.92 11.59
CA PRO B 84 1.76 22.40 11.56
C PRO B 84 2.66 22.93 10.46
N ALA B 85 3.81 22.25 10.18
CA ALA B 85 4.74 22.63 9.10
C ALA B 85 4.07 22.43 7.75
N PHE B 86 3.33 21.33 7.60
CA PHE B 86 2.58 21.00 6.38
C PHE B 86 1.53 22.09 6.08
N ALA B 87 0.78 22.54 7.10
CA ALA B 87 -0.23 23.61 7.02
C ALA B 87 0.39 24.93 6.49
N SER B 88 1.54 25.36 7.04
CA SER B 88 2.25 26.56 6.60
C SER B 88 2.79 26.44 5.15
N GLU B 89 3.27 25.23 4.77
CA GLU B 89 3.77 24.95 3.42
C GLU B 89 2.64 25.07 2.37
N VAL B 90 1.45 24.48 2.67
CA VAL B 90 0.24 24.55 1.83
C VAL B 90 -0.21 26.02 1.69
N LYS B 91 -0.29 26.75 2.82
CA LYS B 91 -0.69 28.17 2.91
C LYS B 91 0.18 29.07 2.02
N ASP B 92 1.49 28.75 1.90
CA ASP B 92 2.44 29.52 1.08
C ASP B 92 2.64 28.96 -0.36
N GLY B 93 1.80 28.00 -0.77
CA GLY B 93 1.86 27.38 -2.09
C GLY B 93 3.21 26.75 -2.42
N LEU B 94 3.83 26.11 -1.41
CA LEU B 94 5.17 25.52 -1.50
C LEU B 94 5.22 24.08 -2.00
N LEU B 95 4.05 23.46 -2.16
CA LEU B 95 3.98 22.04 -2.54
C LEU B 95 3.24 21.75 -3.83
N GLU B 96 3.64 20.66 -4.48
CA GLU B 96 3.01 20.13 -5.69
C GLU B 96 1.76 19.36 -5.27
N PRO B 97 0.63 19.43 -6.02
CA PRO B 97 -0.51 18.56 -5.65
C PRO B 97 -0.14 17.08 -5.87
N ILE B 98 -0.58 16.19 -4.95
CA ILE B 98 -0.30 14.75 -5.07
C ILE B 98 -0.99 14.20 -6.32
N ASP B 99 -0.26 13.40 -7.12
CA ASP B 99 -0.87 12.76 -8.28
C ASP B 99 -1.55 11.48 -7.81
N TYR B 100 -2.87 11.53 -7.63
CA TYR B 100 -3.69 10.39 -7.18
C TYR B 100 -4.04 9.42 -8.30
N SER B 101 -3.54 9.65 -9.53
CA SER B 101 -3.66 8.69 -10.63
C SER B 101 -2.43 7.73 -10.49
N VAL B 102 -1.43 8.12 -9.67
CA VAL B 102 -0.23 7.32 -9.39
C VAL B 102 -0.37 6.80 -7.96
N VAL B 103 -0.60 7.72 -6.99
CA VAL B 103 -0.77 7.37 -5.59
C VAL B 103 -2.16 6.75 -5.36
N LYS B 104 -2.18 5.46 -5.02
CA LYS B 104 -3.41 4.74 -4.71
C LYS B 104 -3.26 3.86 -3.48
N ALA B 105 -4.03 4.19 -2.44
CA ALA B 105 -4.04 3.50 -1.18
C ALA B 105 -5.39 3.76 -0.48
N ASP B 106 -6.42 3.06 -0.97
CA ASP B 106 -7.77 3.20 -0.41
C ASP B 106 -7.85 2.64 1.01
N ASN B 107 -6.82 1.88 1.43
CA ASN B 107 -6.70 1.31 2.76
C ASN B 107 -6.07 2.33 3.75
N VAL B 108 -5.66 3.51 3.23
CA VAL B 108 -5.25 4.65 4.05
C VAL B 108 -6.54 5.51 4.12
N PRO B 109 -7.14 5.79 5.32
CA PRO B 109 -8.41 6.54 5.35
C PRO B 109 -8.33 7.89 4.64
N GLU B 110 -9.44 8.28 3.99
CA GLU B 110 -9.60 9.48 3.16
C GLU B 110 -9.01 10.78 3.71
N ASN B 111 -9.22 11.10 5.01
CA ASN B 111 -8.70 12.34 5.57
C ASN B 111 -7.18 12.47 5.49
N PHE B 112 -6.43 11.36 5.43
CA PHE B 112 -4.97 11.39 5.28
C PHE B 112 -4.52 11.67 3.84
N ARG B 113 -5.36 11.31 2.83
CA ARG B 113 -5.08 11.55 1.39
C ARG B 113 -5.52 12.95 0.99
N THR B 114 -4.68 13.94 1.34
CA THR B 114 -4.95 15.36 1.12
C THR B 114 -4.42 15.84 -0.24
N LYS B 115 -4.88 17.02 -0.67
CA LYS B 115 -4.48 17.63 -1.94
C LYS B 115 -2.96 17.72 -2.11
N TYR B 116 -2.24 18.18 -1.08
CA TYR B 116 -0.79 18.44 -1.16
C TYR B 116 0.09 17.49 -0.32
N GLY B 117 -0.48 16.46 0.29
CA GLY B 117 0.29 15.53 1.10
C GLY B 117 -0.45 14.30 1.56
N VAL B 118 0.28 13.22 1.81
CA VAL B 118 -0.35 11.96 2.24
C VAL B 118 0.10 11.65 3.65
N GLY B 119 -0.86 11.59 4.57
CA GLY B 119 -0.60 11.26 5.97
C GLY B 119 -0.17 9.80 6.04
N TYR B 120 1.05 9.57 6.51
CA TYR B 120 1.63 8.23 6.51
C TYR B 120 1.97 7.71 7.88
N MET B 121 1.98 8.60 8.88
CA MET B 121 2.35 8.25 10.23
C MET B 121 1.60 9.07 11.26
N VAL B 122 1.29 8.44 12.38
CA VAL B 122 0.66 9.05 13.54
C VAL B 122 1.66 8.95 14.69
N PHE B 123 1.99 10.10 15.29
CA PHE B 123 3.02 10.10 16.33
C PHE B 123 2.68 10.92 17.56
N GLY B 124 3.04 10.37 18.71
CA GLY B 124 2.89 11.04 19.99
C GLY B 124 4.20 11.73 20.39
N THR B 125 4.08 12.84 21.13
CA THR B 125 5.20 13.57 21.71
C THR B 125 4.95 13.48 23.21
N ASN B 126 5.89 12.86 23.93
CA ASN B 126 5.75 12.50 25.32
C ASN B 126 6.78 13.08 26.28
N LEU B 127 6.34 13.22 27.53
CA LEU B 127 7.17 13.62 28.66
C LEU B 127 7.98 12.38 29.06
N ALA B 128 9.32 12.47 29.00
CA ALA B 128 10.22 11.38 29.35
C ALA B 128 11.22 11.83 30.44
N TRP B 129 11.64 10.89 31.30
CA TRP B 129 12.55 11.17 32.40
C TRP B 129 13.63 10.10 32.56
N ASN B 130 14.78 10.50 33.09
CA ASN B 130 15.86 9.58 33.42
C ASN B 130 15.40 8.89 34.73
N LYS B 131 15.36 7.54 34.74
CA LYS B 131 14.91 6.73 35.89
C LYS B 131 15.82 6.80 37.12
N ASP B 132 17.12 7.08 36.92
CA ASP B 132 18.05 7.20 38.05
C ASP B 132 17.87 8.52 38.81
N LYS B 133 17.53 9.59 38.08
CA LYS B 133 17.27 10.94 38.60
C LYS B 133 15.84 11.01 39.19
N PHE B 134 14.87 10.33 38.51
CA PHE B 134 13.46 10.30 38.90
C PHE B 134 12.88 8.86 38.92
N PRO B 135 13.10 8.08 40.02
CA PRO B 135 12.58 6.70 40.06
C PRO B 135 11.05 6.60 40.13
N ASN B 136 10.39 7.63 40.67
CA ASN B 136 8.94 7.66 40.77
C ASN B 136 8.29 8.39 39.58
N GLY B 137 9.11 8.79 38.62
CA GLY B 137 8.63 9.47 37.41
C GLY B 137 8.41 10.95 37.55
N VAL B 138 7.98 11.58 36.44
CA VAL B 138 7.70 13.02 36.34
C VAL B 138 6.36 13.19 35.65
N THR B 139 5.49 14.01 36.23
CA THR B 139 4.16 14.30 35.66
C THR B 139 4.30 15.64 34.92
N PRO B 140 3.38 16.02 34.00
CA PRO B 140 3.48 17.35 33.36
C PRO B 140 3.47 18.51 34.37
N ALA B 141 2.73 18.36 35.50
CA ALA B 141 2.69 19.37 36.57
C ALA B 141 4.09 19.56 37.18
N GLN B 142 4.79 18.44 37.47
CA GLN B 142 6.16 18.44 37.99
C GLN B 142 7.18 19.03 37.00
N PHE B 143 6.98 18.84 35.67
CA PHE B 143 7.89 19.40 34.67
C PHE B 143 7.88 20.93 34.77
N PHE B 144 6.69 21.54 35.03
CA PHE B 144 6.55 22.99 35.14
C PHE B 144 6.58 23.48 36.60
N ASP B 145 7.11 22.65 37.51
CA ASP B 145 7.26 23.02 38.92
C ASP B 145 8.70 23.48 39.16
N PRO B 146 8.93 24.78 39.48
CA PRO B 146 10.31 25.25 39.76
C PRO B 146 11.08 24.46 40.83
N ASN B 147 10.36 23.82 41.79
CA ASN B 147 10.94 23.04 42.88
C ASN B 147 11.46 21.66 42.46
N VAL B 148 11.02 21.15 41.31
CA VAL B 148 11.49 19.89 40.73
C VAL B 148 12.80 20.25 39.99
N LYS B 149 13.93 19.71 40.45
CA LYS B 149 15.24 20.05 39.90
C LYS B 149 15.73 19.03 38.87
N GLY B 150 16.03 19.54 37.68
CA GLY B 150 16.51 18.71 36.57
C GLY B 150 16.68 19.45 35.27
N ARG B 151 17.69 19.01 34.48
CA ARG B 151 18.02 19.54 33.15
C ARG B 151 16.89 19.19 32.17
N ARG B 152 16.09 20.19 31.80
CA ARG B 152 14.95 20.04 30.92
C ARG B 152 15.24 20.40 29.46
N VAL B 153 14.68 19.61 28.53
CA VAL B 153 14.76 19.87 27.09
C VAL B 153 13.37 19.99 26.51
N LEU B 154 13.09 21.15 25.89
CA LEU B 154 11.80 21.38 25.25
C LEU B 154 11.97 21.32 23.73
N PRO B 155 10.88 21.14 22.93
CA PRO B 155 11.03 21.17 21.45
C PRO B 155 11.53 22.52 20.94
N SER B 156 12.14 22.53 19.72
CA SER B 156 12.75 23.72 19.08
C SER B 156 11.76 24.85 18.72
N ASP B 157 10.52 24.48 18.37
CA ASP B 157 9.48 25.44 17.97
C ASP B 157 8.37 25.58 19.04
N ALA B 158 7.46 26.58 18.87
CA ALA B 158 6.31 26.81 19.77
C ALA B 158 5.35 25.63 19.71
N THR B 159 5.25 24.98 18.53
CA THR B 159 4.43 23.78 18.33
C THR B 159 4.88 22.68 19.31
N TYR B 160 3.92 21.91 19.88
CA TYR B 160 4.11 20.85 20.87
C TYR B 160 4.43 21.43 22.24
N SER B 161 5.40 22.40 22.31
CA SER B 161 5.83 23.11 23.52
C SER B 161 4.66 23.80 24.26
N LEU B 162 3.87 24.64 23.56
CA LEU B 162 2.75 25.40 24.14
C LEU B 162 1.66 24.49 24.72
N GLU B 163 1.27 23.42 24.00
CA GLU B 163 0.25 22.44 24.41
C GLU B 163 0.69 21.67 25.66
N PHE B 164 2.00 21.32 25.73
CA PHE B 164 2.57 20.62 26.87
C PHE B 164 2.53 21.52 28.11
N ALA B 165 2.94 22.81 27.95
CA ALA B 165 2.93 23.82 29.01
C ALA B 165 1.52 24.00 29.59
N LEU B 166 0.52 24.12 28.69
CA LEU B 166 -0.88 24.31 29.06
C LEU B 166 -1.47 23.11 29.79
N MET B 167 -1.23 21.87 29.28
CA MET B 167 -1.70 20.63 29.92
C MET B 167 -1.00 20.43 31.28
N GLY B 168 0.28 20.79 31.33
CA GLY B 168 1.11 20.79 32.54
C GLY B 168 0.57 21.71 33.62
N ASP B 169 0.02 22.87 33.21
CA ASP B 169 -0.57 23.88 34.08
C ASP B 169 -2.05 23.59 34.46
N GLY B 170 -2.56 22.44 34.05
CA GLY B 170 -3.91 22.01 34.40
C GLY B 170 -5.02 22.25 33.39
N VAL B 171 -4.67 22.71 32.17
CA VAL B 171 -5.67 22.90 31.10
C VAL B 171 -6.06 21.48 30.65
N LYS B 172 -7.36 21.18 30.69
CA LYS B 172 -7.89 19.88 30.27
C LYS B 172 -7.69 19.69 28.76
N PRO B 173 -7.37 18.46 28.29
CA PRO B 173 -7.19 18.26 26.83
C PRO B 173 -8.37 18.72 25.97
N ALA B 174 -9.59 18.55 26.48
CA ALA B 174 -10.81 19.00 25.79
C ALA B 174 -10.91 20.53 25.69
N ASP B 175 -10.25 21.26 26.61
CA ASP B 175 -10.27 22.74 26.68
C ASP B 175 -9.05 23.45 26.06
N LEU B 176 -8.05 22.68 25.51
CA LEU B 176 -6.77 23.18 24.95
C LEU B 176 -6.88 24.32 23.92
N TYR B 177 -7.57 24.08 22.79
CA TYR B 177 -7.70 25.06 21.69
C TYR B 177 -8.98 25.91 21.78
N PRO B 178 -8.92 27.25 21.49
CA PRO B 178 -7.74 28.03 21.07
C PRO B 178 -6.69 28.17 22.18
N LEU B 179 -5.41 27.91 21.86
CA LEU B 179 -4.31 27.97 22.85
C LEU B 179 -4.17 29.33 23.49
N ASP B 180 -4.12 29.35 24.82
CA ASP B 180 -3.87 30.56 25.59
C ASP B 180 -2.33 30.72 25.61
N VAL B 181 -1.80 31.38 24.57
CA VAL B 181 -0.35 31.59 24.34
C VAL B 181 0.32 32.30 25.52
N LYS B 182 -0.28 33.41 25.99
CA LYS B 182 0.19 34.22 27.12
C LYS B 182 0.42 33.36 28.37
N ARG B 183 -0.56 32.52 28.72
CA ARG B 183 -0.51 31.59 29.85
C ARG B 183 0.60 30.55 29.65
N ALA B 184 0.64 29.88 28.46
CA ALA B 184 1.64 28.86 28.09
C ALA B 184 3.08 29.36 28.31
N LEU B 185 3.38 30.61 27.89
CA LEU B 185 4.69 31.24 28.02
C LEU B 185 5.02 31.58 29.47
N LYS B 186 3.99 32.00 30.26
CA LYS B 186 4.13 32.29 31.70
C LYS B 186 4.40 30.98 32.48
N VAL B 187 3.81 29.86 31.99
CA VAL B 187 4.01 28.50 32.52
C VAL B 187 5.48 28.05 32.26
N ILE B 188 5.97 28.19 31.00
CA ILE B 188 7.36 27.84 30.63
C ILE B 188 8.34 28.70 31.47
N ASP B 189 7.94 29.98 31.74
CA ASP B 189 8.71 30.95 32.53
C ASP B 189 9.07 30.42 33.90
N ARG B 190 8.19 29.59 34.50
CA ARG B 190 8.42 29.00 35.82
C ARG B 190 9.68 28.12 35.86
N VAL B 191 9.99 27.42 34.76
CA VAL B 191 11.17 26.52 34.71
C VAL B 191 12.18 26.89 33.59
N LYS B 192 12.02 28.07 32.95
CA LYS B 192 12.86 28.57 31.87
C LYS B 192 14.38 28.51 32.20
N ASP B 193 14.76 28.87 33.45
CA ASP B 193 16.14 28.82 33.94
C ASP B 193 16.70 27.38 34.03
N GLN B 194 15.81 26.37 34.07
CA GLN B 194 16.20 24.96 34.12
C GLN B 194 16.15 24.26 32.73
N VAL B 195 15.63 24.98 31.72
CA VAL B 195 15.51 24.48 30.34
C VAL B 195 16.86 24.70 29.64
N ILE B 196 17.63 23.62 29.46
CA ILE B 196 18.96 23.65 28.86
C ILE B 196 18.94 23.87 27.32
N GLY B 197 17.78 23.67 26.68
CA GLY B 197 17.65 23.88 25.25
C GLY B 197 16.26 23.69 24.67
N TYR B 198 16.07 24.17 23.43
CA TYR B 198 14.86 24.08 22.62
C TYR B 198 15.38 23.36 21.36
N LYS B 199 15.27 22.02 21.39
CA LYS B 199 15.90 21.16 20.39
C LYS B 199 15.00 20.31 19.51
N GLY B 200 15.55 19.90 18.38
CA GLY B 200 14.96 18.95 17.46
C GLY B 200 15.11 17.55 18.03
N ALA B 201 14.37 16.59 17.46
CA ALA B 201 14.30 15.19 17.90
C ALA B 201 15.66 14.46 18.00
N SER B 202 16.54 14.64 16.99
CA SER B 202 17.89 14.03 16.96
C SER B 202 18.76 14.55 18.07
N ASP B 203 18.71 15.88 18.34
CA ASP B 203 19.45 16.52 19.41
C ASP B 203 18.93 16.04 20.78
N ILE B 204 17.59 15.88 20.93
CA ILE B 204 16.98 15.37 22.17
C ILE B 204 17.42 13.92 22.46
N GLN B 205 17.37 13.00 21.45
CA GLN B 205 17.78 11.60 21.66
C GLN B 205 19.24 11.48 22.06
N ALA B 206 20.14 12.27 21.45
CA ALA B 206 21.58 12.33 21.77
C ALA B 206 21.77 12.81 23.22
N LEU B 207 21.00 13.84 23.66
CA LEU B 207 21.10 14.34 25.02
C LEU B 207 20.68 13.27 26.06
N MET B 208 19.67 12.44 25.72
CA MET B 208 19.15 11.34 26.55
C MET B 208 20.20 10.23 26.63
N GLN B 209 20.73 9.80 25.48
CA GLN B 209 21.74 8.75 25.41
C GLN B 209 23.06 9.16 26.07
N GLN B 210 23.43 10.45 25.97
CA GLN B 210 24.66 11.00 26.57
C GLN B 210 24.48 11.37 28.04
N GLY B 211 23.23 11.31 28.54
CA GLY B 211 22.89 11.64 29.92
C GLY B 211 23.14 13.10 30.25
N GLU B 212 22.82 13.98 29.30
CA GLU B 212 23.02 15.43 29.37
C GLU B 212 21.72 16.19 29.67
N ALA B 213 20.62 15.45 29.88
CA ALA B 213 19.30 15.97 30.23
C ALA B 213 18.69 14.98 31.21
N ASP B 214 17.69 15.42 31.97
CA ASP B 214 17.02 14.59 32.98
C ASP B 214 15.55 14.40 32.64
N ILE B 215 14.93 15.41 32.00
CA ILE B 215 13.51 15.42 31.61
C ILE B 215 13.36 16.06 30.23
N VAL B 216 12.61 15.41 29.33
CA VAL B 216 12.42 15.87 27.93
C VAL B 216 10.94 15.73 27.44
N TYR B 217 10.60 16.38 26.33
CA TYR B 217 9.29 16.26 25.67
C TYR B 217 9.64 15.95 24.22
N ALA B 218 9.56 14.68 23.84
CA ALA B 218 10.01 14.19 22.51
C ALA B 218 9.14 13.07 21.97
N GLY B 219 9.32 12.76 20.67
CA GLY B 219 8.63 11.69 19.98
C GLY B 219 8.78 10.36 20.68
N THR B 220 7.66 9.62 20.84
CA THR B 220 7.62 8.31 21.53
C THR B 220 8.72 7.36 21.01
N GLY B 221 8.89 7.33 19.69
CA GLY B 221 9.86 6.50 18.99
C GLY B 221 11.29 6.84 19.33
N ARG B 222 11.60 8.15 19.48
CA ARG B 222 12.93 8.63 19.88
C ARG B 222 13.25 8.16 21.30
N ILE B 223 12.25 8.24 22.21
CA ILE B 223 12.37 7.83 23.62
C ILE B 223 12.62 6.32 23.70
N LYS B 224 11.75 5.52 23.04
CA LYS B 224 11.85 4.07 23.03
C LYS B 224 13.14 3.57 22.36
N ASN B 225 13.62 4.26 21.31
CA ASN B 225 14.88 3.90 20.63
C ASN B 225 16.11 4.21 21.50
N ALA B 226 16.06 5.30 22.28
CA ALA B 226 17.10 5.66 23.24
C ALA B 226 17.18 4.55 24.32
N ILE B 227 16.01 4.05 24.79
CA ILE B 227 15.90 2.99 25.81
C ILE B 227 16.51 1.69 25.27
N LYS B 228 16.12 1.29 24.04
CA LYS B 228 16.63 0.12 23.29
C LYS B 228 18.15 0.16 23.22
N ALA B 229 18.70 1.35 22.96
CA ALA B 229 20.13 1.63 22.90
C ALA B 229 20.85 1.69 24.28
N GLY B 230 20.10 1.54 25.38
CA GLY B 230 20.68 1.52 26.73
C GLY B 230 20.40 2.67 27.69
N ALA B 231 19.60 3.67 27.28
CA ALA B 231 19.24 4.79 28.13
C ALA B 231 18.19 4.34 29.18
N ASN B 232 18.55 4.40 30.47
CA ASN B 232 17.62 4.02 31.56
C ASN B 232 16.61 5.14 31.81
N TRP B 233 15.72 5.33 30.83
CA TRP B 233 14.67 6.34 30.83
C TRP B 233 13.28 5.72 30.75
N SER B 234 12.27 6.46 31.20
CA SER B 234 10.87 6.08 31.08
C SER B 234 10.03 7.28 30.64
N TYR B 235 8.74 7.05 30.35
CA TYR B 235 7.83 8.07 29.83
C TYR B 235 6.38 7.73 30.17
N SER B 236 5.48 8.68 29.92
CA SER B 236 4.05 8.50 30.13
C SER B 236 3.27 9.09 28.96
N TRP B 237 1.95 8.87 28.95
CA TRP B 237 1.04 9.49 27.99
C TRP B 237 0.34 10.72 28.61
N GLU B 238 0.68 11.06 29.87
CA GLU B 238 0.13 12.23 30.57
C GLU B 238 0.66 13.50 29.91
N GLY B 239 -0.26 14.32 29.39
CA GLY B 239 0.07 15.55 28.69
C GLY B 239 0.77 15.36 27.36
N ALA B 240 0.64 14.16 26.76
CA ALA B 240 1.23 13.86 25.46
C ALA B 240 0.40 14.50 24.35
N LEU B 241 1.06 14.80 23.22
CA LEU B 241 0.39 15.39 22.07
C LEU B 241 0.59 14.54 20.84
N ALA B 242 -0.52 14.12 20.22
CA ALA B 242 -0.53 13.30 19.02
C ALA B 242 -0.60 14.14 17.76
N ASP B 243 0.14 13.75 16.73
CA ASP B 243 0.14 14.48 15.48
C ASP B 243 0.25 13.53 14.26
N THR B 244 0.00 14.07 13.07
CA THR B 244 0.09 13.33 11.81
C THR B 244 1.28 13.85 11.01
N GLU B 245 2.06 12.89 10.46
CA GLU B 245 3.22 13.14 9.60
C GLU B 245 2.81 12.88 8.13
N TYR B 246 3.24 13.77 7.22
CA TYR B 246 2.87 13.72 5.81
C TYR B 246 4.04 13.59 4.84
N TRP B 247 3.82 12.87 3.72
CA TRP B 247 4.79 12.86 2.63
C TRP B 247 4.30 13.99 1.71
N ALA B 248 5.19 14.90 1.31
CA ALA B 248 4.86 16.00 0.40
C ALA B 248 6.00 16.22 -0.60
N VAL B 249 5.71 16.92 -1.69
CA VAL B 249 6.64 17.14 -2.78
C VAL B 249 6.79 18.65 -2.98
N PRO B 250 7.99 19.21 -2.72
CA PRO B 250 8.18 20.67 -2.91
C PRO B 250 7.90 21.11 -4.34
N LYS B 251 7.27 22.30 -4.48
CA LYS B 251 6.94 22.89 -5.77
C LYS B 251 8.26 23.14 -6.52
N GLY B 252 8.31 22.63 -7.74
CA GLY B 252 9.47 22.71 -8.61
C GLY B 252 10.44 21.56 -8.40
N ALA B 253 10.05 20.50 -7.61
CA ALA B 253 10.92 19.33 -7.38
C ALA B 253 11.36 18.72 -8.74
N PRO B 254 12.68 18.52 -8.95
CA PRO B 254 13.13 17.97 -10.26
C PRO B 254 12.60 16.56 -10.58
N HIS B 255 12.41 15.70 -9.56
CA HIS B 255 11.89 14.34 -9.71
C HIS B 255 10.49 14.14 -9.13
N ALA B 256 9.58 15.12 -9.39
CA ALA B 256 8.20 15.11 -8.89
C ALA B 256 7.44 13.82 -9.24
N ALA B 257 7.63 13.27 -10.48
CA ALA B 257 6.95 12.04 -10.89
C ALA B 257 7.47 10.82 -10.12
N GLU B 258 8.81 10.76 -9.89
CA GLU B 258 9.44 9.70 -9.09
C GLU B 258 8.95 9.76 -7.64
N ALA B 259 8.84 11.01 -7.11
CA ALA B 259 8.35 11.33 -5.78
C ALA B 259 6.94 10.72 -5.59
N MET B 260 6.06 10.85 -6.61
CA MET B 260 4.70 10.27 -6.61
C MET B 260 4.78 8.75 -6.55
N LYS B 261 5.67 8.15 -7.34
CA LYS B 261 5.92 6.70 -7.31
C LYS B 261 6.44 6.25 -5.92
N PHE B 262 7.37 7.02 -5.32
CA PHE B 262 7.88 6.75 -3.98
C PHE B 262 6.72 6.78 -2.94
N ILE B 263 5.90 7.85 -2.93
CA ILE B 263 4.79 7.99 -1.97
C ILE B 263 3.83 6.82 -2.13
N ASN B 264 3.51 6.42 -3.40
CA ASN B 264 2.62 5.29 -3.65
C ASN B 264 3.19 4.02 -3.01
N PHE B 265 4.49 3.74 -3.22
CA PHE B 265 5.11 2.58 -2.60
C PHE B 265 5.12 2.66 -1.05
N ALA B 266 5.59 3.80 -0.50
CA ALA B 266 5.75 4.01 0.94
C ALA B 266 4.46 3.82 1.77
N VAL B 267 3.30 4.31 1.27
CA VAL B 267 2.03 4.27 2.04
C VAL B 267 1.27 2.90 1.97
N GLN B 268 1.85 1.87 1.31
CA GLN B 268 1.23 0.54 1.26
C GLN B 268 1.43 -0.16 2.62
N ALA B 269 0.56 -1.13 2.96
CA ALA B 269 0.57 -1.87 4.23
C ALA B 269 1.95 -2.38 4.70
N GLU B 270 2.65 -3.10 3.79
CA GLU B 270 3.96 -3.74 3.99
C GLU B 270 5.04 -2.76 4.48
N PRO B 271 5.43 -1.67 3.74
CA PRO B 271 6.43 -0.72 4.27
C PRO B 271 5.96 0.00 5.55
N GLN B 272 4.65 0.37 5.64
CA GLN B 272 4.05 1.00 6.81
C GLN B 272 4.22 0.12 8.06
N ALA B 273 4.01 -1.20 7.93
CA ALA B 273 4.23 -2.15 9.03
C ALA B 273 5.72 -2.23 9.35
N GLU B 274 6.61 -2.10 8.33
CA GLU B 274 8.04 -2.13 8.58
C GLU B 274 8.51 -0.95 9.45
N LEU B 275 7.96 0.26 9.24
CA LEU B 275 8.27 1.46 10.03
C LEU B 275 7.92 1.28 11.53
N THR B 276 6.67 0.86 11.82
CA THR B 276 6.18 0.63 13.20
C THR B 276 6.97 -0.50 13.90
N ARG B 277 7.44 -1.47 13.11
CA ARG B 277 8.25 -2.58 13.62
C ARG B 277 9.57 -2.10 14.20
N VAL B 278 10.23 -1.13 13.53
CA VAL B 278 11.53 -0.60 13.97
C VAL B 278 11.39 0.60 14.96
N ILE B 279 10.34 1.44 14.86
CA ILE B 279 10.18 2.62 15.74
C ILE B 279 8.70 2.80 16.18
N ALA B 280 8.46 3.11 17.47
CA ALA B 280 7.12 3.25 18.11
C ALA B 280 6.28 4.45 17.64
N TYR B 281 6.00 4.49 16.33
CA TYR B 281 5.12 5.47 15.70
C TYR B 281 4.07 4.62 14.96
N GLY B 282 2.87 5.15 14.83
CA GLY B 282 1.77 4.42 14.24
C GLY B 282 1.54 4.58 12.74
N PRO B 283 1.04 3.48 12.13
CA PRO B 283 0.65 3.56 10.70
C PRO B 283 -0.66 4.33 10.51
N THR B 284 -0.93 4.73 9.28
CA THR B 284 -2.21 5.32 8.85
C THR B 284 -2.91 4.25 8.00
N ASN B 285 -2.14 3.31 7.38
CA ASN B 285 -2.69 2.23 6.57
C ASN B 285 -3.27 1.17 7.50
N VAL B 286 -4.59 1.02 7.47
CA VAL B 286 -5.36 0.09 8.31
C VAL B 286 -4.90 -1.37 8.12
N ASP B 287 -4.37 -1.73 6.92
CA ASP B 287 -3.89 -3.07 6.63
C ASP B 287 -2.50 -3.36 7.23
N ALA B 288 -1.85 -2.34 7.83
CA ALA B 288 -0.56 -2.53 8.49
C ALA B 288 -0.72 -3.18 9.89
N LEU B 289 -1.90 -2.99 10.56
CA LEU B 289 -2.22 -3.51 11.89
C LEU B 289 -2.06 -5.04 12.06
N ARG B 290 -2.65 -5.86 11.14
CA ARG B 290 -2.57 -7.34 11.19
C ARG B 290 -1.13 -7.89 11.00
N LEU B 291 -0.23 -7.10 10.41
CA LEU B 291 1.17 -7.48 10.16
C LEU B 291 2.07 -7.21 11.36
N LEU B 292 1.54 -6.53 12.40
CA LEU B 292 2.35 -6.19 13.55
C LEU B 292 2.02 -6.98 14.80
N ASP B 293 2.94 -6.94 15.79
CA ASP B 293 2.83 -7.55 17.11
C ASP B 293 1.59 -6.89 17.79
N PRO B 294 0.59 -7.66 18.32
CA PRO B 294 -0.59 -7.02 18.95
C PRO B 294 -0.27 -5.96 20.01
N ALA B 295 0.86 -6.15 20.73
CA ALA B 295 1.37 -5.28 21.78
C ALA B 295 1.71 -3.88 21.32
N VAL B 296 2.07 -3.68 20.01
CA VAL B 296 2.44 -2.38 19.43
C VAL B 296 1.30 -1.36 19.57
N ALA B 297 0.04 -1.81 19.59
CA ALA B 297 -1.17 -0.98 19.70
C ALA B 297 -1.18 -0.14 20.99
N LYS B 298 -0.67 -0.73 22.10
CA LYS B 298 -0.57 -0.11 23.42
C LYS B 298 0.46 1.04 23.50
N ASP B 299 1.42 1.10 22.55
CA ASP B 299 2.47 2.14 22.51
C ASP B 299 2.12 3.26 21.52
N LEU B 300 0.86 3.29 21.03
CA LEU B 300 0.37 4.26 20.05
C LEU B 300 -0.60 5.31 20.65
N PRO B 301 -0.65 6.54 20.07
CA PRO B 301 -1.50 7.60 20.65
C PRO B 301 -3.01 7.36 20.65
N SER B 302 -3.50 6.64 19.63
CA SER B 302 -4.91 6.29 19.44
C SER B 302 -5.42 5.27 20.47
N TYR B 303 -4.51 4.56 21.18
CA TYR B 303 -4.89 3.58 22.21
C TYR B 303 -5.73 4.30 23.28
N PRO B 304 -6.99 3.87 23.53
CA PRO B 304 -7.86 4.61 24.47
C PRO B 304 -7.25 4.98 25.82
N ALA B 305 -6.48 4.07 26.45
CA ALA B 305 -5.83 4.33 27.74
C ALA B 305 -4.80 5.45 27.63
N ASN B 306 -4.17 5.60 26.44
CA ASN B 306 -3.18 6.64 26.16
C ASN B 306 -3.84 7.97 25.80
N ALA B 307 -4.84 7.95 24.90
CA ALA B 307 -5.57 9.09 24.34
C ALA B 307 -6.24 9.99 25.38
N LYS B 308 -6.86 9.39 26.41
CA LYS B 308 -7.55 10.07 27.48
C LYS B 308 -6.63 10.94 28.37
N LEU B 309 -5.31 10.63 28.39
CA LEU B 309 -4.31 11.33 29.20
C LEU B 309 -3.71 12.57 28.51
N GLY B 310 -3.88 12.68 27.21
CA GLY B 310 -3.34 13.79 26.43
C GLY B 310 -4.31 14.34 25.41
N ALA B 311 -3.78 14.94 24.34
CA ALA B 311 -4.59 15.57 23.29
C ALA B 311 -4.03 15.31 21.89
N VAL B 312 -4.77 15.77 20.86
CA VAL B 312 -4.39 15.68 19.44
C VAL B 312 -4.14 17.11 18.97
N LEU B 313 -2.97 17.36 18.36
CA LEU B 313 -2.62 18.69 17.83
C LEU B 313 -3.68 19.15 16.84
N ASN B 314 -4.17 20.38 17.02
CA ASN B 314 -5.16 20.99 16.15
C ASN B 314 -4.41 21.79 15.09
N SER B 315 -4.32 21.24 13.87
CA SER B 315 -3.56 21.89 12.78
C SER B 315 -4.26 23.12 12.21
N LYS B 316 -5.62 23.20 12.36
CA LYS B 316 -6.44 24.33 11.97
C LYS B 316 -6.01 25.56 12.81
N TRP B 317 -5.82 25.36 14.14
CA TRP B 317 -5.39 26.44 15.03
C TRP B 317 -3.99 26.91 14.61
N TRP B 318 -3.03 26.00 14.45
CA TRP B 318 -1.69 26.34 14.02
C TRP B 318 -1.64 27.00 12.64
N ASN B 319 -2.51 26.57 11.70
CA ASN B 319 -2.59 27.14 10.36
C ASN B 319 -2.88 28.67 10.43
N ASP B 320 -3.83 29.05 11.30
CA ASP B 320 -4.26 30.44 11.53
C ASP B 320 -3.35 31.25 12.45
N ASN B 321 -2.64 30.58 13.37
CA ASN B 321 -1.87 31.30 14.38
C ASN B 321 -0.34 31.18 14.34
N TYR B 322 0.23 30.28 13.53
CA TYR B 322 1.66 30.02 13.50
C TYR B 322 2.54 31.26 13.36
N ASP B 323 2.30 32.12 12.36
CA ASP B 323 3.12 33.32 12.10
C ASP B 323 3.24 34.27 13.31
N ALA B 324 2.10 34.63 13.95
CA ALA B 324 2.08 35.48 15.14
C ALA B 324 2.80 34.81 16.34
N VAL B 325 2.51 33.53 16.58
CA VAL B 325 3.12 32.74 17.67
C VAL B 325 4.66 32.60 17.46
N LYS B 326 5.11 32.36 16.22
CA LYS B 326 6.52 32.21 15.86
C LYS B 326 7.30 33.51 16.13
N ALA B 327 6.70 34.67 15.77
CA ALA B 327 7.30 36.00 15.98
C ALA B 327 7.58 36.23 17.47
N GLU B 328 6.67 35.77 18.36
CA GLU B 328 6.84 35.85 19.80
C GLU B 328 7.84 34.79 20.33
N TRP B 329 7.73 33.54 19.87
CA TRP B 329 8.59 32.41 20.27
C TRP B 329 10.07 32.66 20.02
N THR B 330 10.42 33.24 18.85
CA THR B 330 11.80 33.52 18.47
C THR B 330 12.41 34.45 19.52
N THR B 331 11.72 35.57 19.84
CA THR B 331 12.13 36.57 20.82
C THR B 331 12.16 35.97 22.24
N TYR B 332 11.26 35.00 22.53
CA TYR B 332 11.14 34.29 23.79
C TYR B 332 12.37 33.45 24.12
N ILE B 333 12.75 32.52 23.22
CA ILE B 333 13.87 31.60 23.43
C ILE B 333 15.27 32.27 23.24
N MET B 334 15.37 33.38 22.47
CA MET B 334 16.64 34.08 22.21
C MET B 334 17.22 34.74 23.47
N GLN B 335 16.46 34.65 24.59
CA GLN B 335 16.79 35.16 25.92
C GLN B 335 17.59 34.14 26.74
N HIS B 336 17.32 32.83 26.55
CA HIS B 336 17.98 31.72 27.24
C HIS B 336 19.44 31.50 26.78
C1 EDO C . -11.46 -11.97 -45.58
O1 EDO C . -10.43 -11.05 -45.36
C2 EDO C . -11.42 -13.12 -44.54
O2 EDO C . -12.74 -13.55 -44.27
C1 EDO D . -2.36 -20.91 -47.19
O1 EDO D . -1.38 -21.89 -46.86
C2 EDO D . -3.77 -21.48 -46.91
O2 EDO D . -4.77 -20.55 -47.29
C1 EDO E . 7.59 -22.02 -52.82
O1 EDO E . 6.82 -23.13 -52.41
C2 EDO E . 6.74 -20.72 -52.75
O2 EDO E . 5.75 -20.72 -53.76
C1 EDO F . 4.85 -36.58 -43.64
O1 EDO F . 4.38 -36.07 -42.39
C2 EDO F . 3.76 -37.48 -44.28
O2 EDO F . 3.50 -38.61 -43.46
C1 EDO G . -21.37 -20.30 -44.16
O1 EDO G . -22.53 -20.41 -43.34
C2 EDO G . -20.88 -21.70 -44.66
O2 EDO G . -20.47 -22.49 -43.55
C1 EDO H . -16.58 -11.96 -35.15
O1 EDO H . -17.65 -11.09 -35.51
C2 EDO H . -16.97 -13.38 -35.56
O2 EDO H . -18.37 -13.60 -35.41
C1 EDO I . -16.01 -20.55 -46.83
O1 EDO I . -16.30 -19.95 -48.09
C2 EDO I . -17.21 -21.39 -46.30
O2 EDO I . -17.35 -22.60 -47.04
C1 EDO J . -9.23 -17.38 -49.45
O1 EDO J . -9.52 -16.68 -48.27
C2 EDO J . -7.90 -18.17 -49.27
O2 EDO J . -8.08 -19.15 -48.26
C1 EDO K . -8.09 -15.43 -54.57
O1 EDO K . -8.17 -15.77 -55.95
C2 EDO K . -8.25 -16.70 -53.67
O2 EDO K . -7.14 -17.57 -53.81
C1 EDO L . -14.95 -2.45 3.21
O1 EDO L . -15.30 -3.52 4.07
C2 EDO L . -15.53 -1.11 3.73
O2 EDO L . -15.09 -0.05 2.90
C1 EDO M . 8.53 -38.38 -42.75
O1 EDO M . 7.64 -37.81 -41.81
C2 EDO M . 9.24 -37.23 -43.52
O2 EDO M . 8.28 -36.25 -43.90
C1 EDO N . -20.97 -23.98 -36.51
O1 EDO N . -22.04 -24.85 -36.14
C2 EDO N . -21.10 -22.62 -35.81
O2 EDO N . -22.36 -22.05 -36.13
C1 EDO O . -8.09 -2.07 -6.92
O1 EDO O . -8.69 -2.55 -8.11
C2 EDO O . -6.56 -2.01 -7.10
O2 EDO O . -5.90 -2.45 -5.92
C1 EDO P . -5.18 -40.03 -35.21
O1 EDO P . -5.42 -38.66 -35.47
C2 EDO P . -5.48 -40.90 -36.46
O2 EDO P . -6.80 -40.67 -36.92
C1 EDO Q . -17.55 -23.01 -30.83
O1 EDO Q . -18.39 -23.12 -29.69
C2 EDO Q . -18.15 -23.81 -32.00
O2 EDO Q . -17.27 -23.72 -33.10
C1 EDO R . 9.89 -38.22 -47.53
O1 EDO R . 8.76 -38.02 -46.72
C2 EDO R . 9.43 -38.48 -48.99
O2 EDO R . 9.07 -37.26 -49.61
C1 EDO S . -12.15 -4.13 -51.53
O1 EDO S . -11.91 -4.82 -50.32
C2 EDO S . -13.12 -2.96 -51.30
O2 EDO S . -12.61 -2.12 -50.27
C1 EDO T . -3.77 -9.58 -54.60
O1 EDO T . -3.59 -10.87 -55.17
C2 EDO T . -3.55 -8.49 -55.69
O2 EDO T . -4.17 -7.30 -55.27
C1 EDO U . -19.68 -15.28 -46.29
O1 EDO U . -18.27 -15.19 -46.21
C2 EDO U . -20.13 -16.75 -46.40
O2 EDO U . -21.51 -16.76 -46.71
C1 EDO V . -23.62 -11.48 -44.31
O1 EDO V . -23.94 -10.11 -44.31
C2 EDO V . -22.09 -11.68 -44.19
O2 EDO V . -21.74 -12.92 -44.76
C1 EDO W . -4.80 -13.71 -51.22
O1 EDO W . -5.32 -12.70 -52.06
C2 EDO W . -3.43 -14.19 -51.77
O2 EDO W . -2.40 -13.28 -51.44
C1 EDO X . -9.17 -12.54 -48.63
O1 EDO X . -8.51 -11.46 -49.25
C2 EDO X . -8.32 -13.02 -47.43
O2 EDO X . -9.03 -14.04 -46.76
C1 EDO Y . 10.98 -42.42 -49.98
O1 EDO Y . 10.43 -41.66 -51.04
C2 EDO Y . 11.71 -41.48 -48.98
O2 EDO Y . 12.99 -41.11 -49.50
C1 EDO Z . -4.07 -10.04 -44.48
O1 EDO Z . -5.33 -10.58 -44.84
C2 EDO Z . -3.12 -11.16 -43.97
O2 EDO Z . -2.72 -11.99 -45.04
C1 EDO AA . -15.71 -12.96 -48.35
O1 EDO AA . -15.53 -12.43 -49.63
C2 EDO AA . -14.44 -12.71 -47.52
O2 EDO AA . -14.61 -13.26 -46.21
C1 EDO BA . -2.47 -21.08 -39.56
O1 EDO BA . -3.12 -20.05 -40.28
C2 EDO BA . -0.95 -21.07 -39.87
O2 EDO BA . -0.28 -21.99 -39.01
C1 EDO CA . -13.81 -28.85 -33.55
O1 EDO CA . -14.83 -29.60 -32.88
C2 EDO CA . -13.73 -29.25 -35.04
O2 EDO CA . -13.26 -30.58 -35.19
C1 EDO DA . 2.46 -18.53 -42.87
O1 EDO DA . 3.04 -19.00 -41.67
C2 EDO DA . 0.93 -18.71 -42.77
O2 EDO DA . 0.26 -17.90 -43.71
C8 P4G EA . -12.21 -9.45 -58.52
C7 P4G EA . -10.92 -8.85 -57.93
O4 P4G EA . -9.81 -9.21 -58.79
C6 P4G EA . -8.87 -10.14 -58.21
C5 P4G EA . -9.06 -11.50 -58.88
O3 P4G EA . -10.18 -12.18 -58.30
C4 P4G EA . -9.86 -13.09 -57.24
C3 P4G EA . -11.11 -13.82 -56.75
O2 P4G EA . -12.04 -12.95 -56.09
C2 P4G EA . -11.88 -12.79 -54.67
C1 P4G EA . -12.93 -13.58 -53.91
C8 P4G FA . 2.38 -13.80 -48.40
C7 P4G FA . 1.91 -12.51 -47.69
O4 P4G FA . 0.50 -12.57 -47.41
C6 P4G FA . -0.23 -11.34 -47.62
C5 P4G FA . -1.34 -11.60 -48.64
O3 P4G FA . -2.38 -10.61 -48.52
C4 P4G FA . -3.69 -11.15 -48.21
C3 P4G FA . -4.71 -10.53 -49.15
O2 P4G FA . -5.88 -10.14 -48.44
C2 P4G FA . -6.47 -8.90 -48.83
C1 P4G FA . -7.57 -8.57 -47.85
C8 P4G GA . -2.10 -25.73 -39.62
C7 P4G GA . -2.26 -24.58 -40.62
O4 P4G GA . -3.40 -24.82 -41.47
C6 P4G GA . -3.25 -24.34 -42.82
C5 P4G GA . -4.53 -24.66 -43.59
O3 P4G GA . -4.89 -23.50 -44.35
C4 P4G GA . -6.27 -23.33 -44.67
C3 P4G GA . -6.90 -22.38 -43.66
O2 P4G GA . -6.23 -21.13 -43.69
C2 P4G GA . -7.12 -20.01 -43.75
C1 P4G GA . -6.62 -19.03 -44.81
OAM G9Z HA . -8.77 -14.55 -14.98
CAB G9Z HA . -8.27 -15.63 -14.73
CAC G9Z HA . -8.21 -16.16 -13.44
CB G9Z HA . -7.39 -17.44 -13.54
CA G9Z HA . -7.35 -17.75 -15.04
C G9Z HA . -8.04 -18.95 -15.35
O G9Z HA . -9.19 -18.87 -15.82
N G9Z HA . -7.90 -16.51 -15.67
CAG G9Z HA . -7.97 -16.20 -17.09
CAH G9Z HA . -6.72 -15.45 -17.62
OAP G9Z HA . -5.54 -16.20 -17.27
CAI G9Z HA . -6.80 -15.32 -19.15
OAQ G9Z HA . -7.29 -16.52 -19.74
CAJ G9Z HA . -7.62 -14.09 -19.61
OAR G9Z HA . -8.98 -14.16 -19.18
CAK G9Z HA . -7.53 -13.82 -21.13
OAT G9Z HA . -6.17 -13.79 -21.59
CAL G9Z HA . -8.28 -12.53 -21.52
OAS G9Z HA . -7.55 -11.37 -21.09
OXT G9Z HA . -7.45 -20.02 -15.09
C1 PEG IA . 9.48 -23.53 -10.45
O1 PEG IA . 10.77 -22.95 -10.28
C2 PEG IA . 9.59 -24.97 -10.84
O2 PEG IA . 8.29 -25.53 -11.04
C3 PEG IA . 8.19 -26.27 -12.26
C4 PEG IA . 8.41 -27.73 -12.01
O4 PEG IA . 7.49 -28.25 -11.07
C1 PEG JA . 2.17 -22.96 -51.12
O1 PEG JA . 1.56 -23.99 -51.88
C2 PEG JA . 1.17 -22.18 -50.31
O2 PEG JA . 1.84 -21.26 -49.46
C3 PEG JA . 1.12 -20.05 -49.23
C4 PEG JA . 1.86 -18.88 -49.81
O4 PEG JA . 1.08 -17.70 -49.79
C1 PEG KA . -19.83 -25.40 2.80
O1 PEG KA . -21.22 -25.75 2.71
C2 PEG KA . -19.16 -25.98 3.99
O2 PEG KA . -19.27 -25.08 5.09
C3 PEG KA . -20.26 -25.46 6.04
C4 PEG KA . -21.31 -24.39 6.15
O4 PEG KA . -20.72 -23.11 6.33
C1 PEG LA . -10.10 -21.77 -42.17
O1 PEG LA . -9.65 -23.07 -41.86
C2 PEG LA . -11.54 -21.77 -42.59
O2 PEG LA . -11.79 -20.71 -43.50
C3 PEG LA . -12.28 -21.18 -44.75
C4 PEG LA . -12.24 -20.08 -45.76
O4 PEG LA . -12.59 -20.56 -47.06
C1 PEG MA . -18.47 -17.34 -36.51
O1 PEG MA . -18.86 -18.70 -36.40
C2 PEG MA . -16.96 -17.17 -36.63
O2 PEG MA . -16.66 -16.05 -37.47
C3 PEG MA . -15.97 -16.40 -38.68
C4 PEG MA . -16.95 -16.65 -39.81
O4 PEG MA . -17.44 -15.43 -40.39
C1 PEG NA . 13.04 -40.62 -44.71
O1 PEG NA . 12.74 -39.73 -45.78
C2 PEG NA . 12.04 -41.74 -44.63
O2 PEG NA . 12.23 -42.48 -43.43
C3 PEG NA . 12.65 -43.81 -43.65
C4 PEG NA . 13.31 -44.35 -42.42
O4 PEG NA . 14.26 -45.36 -42.72
C1 PEG OA . -11.42 -43.92 -30.59
O1 PEG OA . -10.73 -42.92 -29.86
C2 PEG OA . -12.68 -43.40 -31.23
O2 PEG OA . -13.53 -44.48 -31.59
C3 PEG OA . -14.81 -44.04 -32.00
C4 PEG OA . -15.85 -45.11 -31.78
O4 PEG OA . -15.97 -45.47 -30.41
C1 PEG PA . 1.94 3.85 -10.49
O1 PEG PA . 1.44 3.38 -11.75
C2 PEG PA . 2.61 2.75 -9.71
O2 PEG PA . 1.66 1.75 -9.36
C3 PEG PA . 2.24 0.56 -8.85
C4 PEG PA . 1.20 -0.26 -8.13
O4 PEG PA . 0.91 0.25 -6.82
C1 PEG QA . -2.15 -36.58 -46.08
O1 PEG QA . -0.84 -36.11 -46.40
C2 PEG QA . -2.13 -37.66 -45.04
O2 PEG QA . -1.70 -37.13 -43.80
C3 PEG QA . -2.30 -37.77 -42.68
C4 PEG QA . -2.92 -36.75 -41.76
O4 PEG QA . -3.79 -37.35 -40.82
O1 P6G RA . -14.56 -19.59 -42.33
C2 P6G RA . -15.73 -19.76 -41.54
C3 P6G RA . -16.71 -20.69 -42.26
O4 P6G RA . -17.27 -21.63 -41.31
C5 P6G RA . -17.29 -22.98 -41.80
C6 P6G RA . -17.36 -24.00 -40.59
O7 P6G RA . -18.50 -23.78 -39.70
C8 P6G RA . -19.83 -23.73 -40.27
C9 P6G RA . -20.61 -25.03 -40.01
O10 P6G RA . -19.85 -26.12 -40.46
C11 P6G RA . -19.40 -27.00 -39.43
C12 P6G RA . -19.18 -28.40 -40.09
O13 P6G RA . -18.28 -28.20 -41.16
C14 P6G RA . -18.56 -28.94 -42.38
C15 P6G RA . -19.21 -27.98 -43.43
O16 P6G RA . -18.62 -26.67 -43.35
C17 P6G RA . -19.47 -25.62 -43.77
C18 P6G RA . -18.88 -24.94 -45.04
O19 P6G RA . -17.56 -24.50 -44.77
C1 EDO SA . 15.17 19.50 10.77
O1 EDO SA . 14.00 18.72 10.72
C2 EDO SA . 16.40 18.56 10.86
O2 EDO SA . 16.28 17.50 9.94
C1 EDO TA . 5.51 24.42 11.98
O1 EDO TA . 6.76 24.94 12.25
C2 EDO TA . 4.55 25.48 11.40
O2 EDO TA . 5.03 26.01 10.21
C1 EDO UA . -7.03 15.12 -4.04
O1 EDO UA . -6.73 16.48 -4.31
C2 EDO UA . -7.03 14.84 -2.50
O2 EDO UA . -8.10 15.51 -1.88
C1 EDO VA . -11.48 40.28 39.57
O1 EDO VA . -12.60 40.06 38.69
C2 EDO VA . -10.28 40.97 38.85
O2 EDO VA . -10.07 40.42 37.54
C1 EDO WA . -11.71 36.78 40.89
O1 EDO WA . -11.72 36.70 39.46
C2 EDO WA . -10.62 35.82 41.45
O2 EDO WA . -10.66 34.57 40.77
C1 EDO XA . -18.44 44.50 39.24
O1 EDO XA . -17.20 44.07 39.76
C2 EDO XA . -19.59 43.77 39.98
O2 EDO XA . -19.84 42.49 39.40
C1 EDO YA . -8.18 23.85 38.51
O1 EDO YA . -7.88 22.82 39.44
C2 EDO YA . -9.51 24.51 38.93
O2 EDO YA . -9.85 25.53 38.01
C1 EDO ZA . -17.21 41.69 36.10
O1 EDO ZA . -18.38 41.54 36.88
C2 EDO ZA . -15.96 41.70 37.03
O2 EDO ZA . -14.79 41.61 36.20
C1 EDO AB . -22.79 34.73 45.17
O1 EDO AB . -23.92 34.45 46.01
C2 EDO AB . -21.62 33.80 45.57
O2 EDO AB . -21.20 34.10 46.89
C1 EDO BB . 6.67 -6.21 -3.04
O1 EDO BB . 7.77 -7.11 -2.89
C2 EDO BB . 5.48 -6.63 -2.14
O2 EDO BB . 5.75 -6.32 -0.77
C1 EDO CB . -8.73 34.32 26.57
O1 EDO CB . -7.39 34.76 26.42
C2 EDO CB . -8.74 32.90 27.17
O2 EDO CB . -7.95 32.89 28.35
C1 EDO DB . -17.21 32.10 35.44
O1 EDO DB . -16.28 32.76 36.29
C2 EDO DB . -18.27 31.36 36.29
O2 EDO DB . -19.23 32.28 36.81
C1 EDO EB . -20.20 26.21 36.75
O1 EDO EB . -20.03 27.59 37.05
C2 EDO EB . -20.01 25.41 38.07
O2 EDO EB . -20.17 24.03 37.80
C1 EDO FB . -10.16 25.77 34.75
O1 EDO FB . -10.25 26.94 33.95
C2 EDO FB . -11.58 25.25 35.11
O2 EDO FB . -12.26 24.85 33.92
C1 EDO GB . 23.75 17.80 21.23
O1 EDO GB . 24.11 16.72 22.07
C2 EDO GB . 24.41 17.61 19.84
O2 EDO GB . 24.33 18.81 19.08
C1 EDO HB . -10.23 31.47 30.32
O1 EDO HB . -9.59 30.31 30.83
C2 EDO HB . -11.75 31.33 30.47
O2 EDO HB . -12.37 32.20 29.55
C8 P4G IB . -9.70 41.54 28.95
C7 P4G IB . -8.49 40.66 28.59
O4 P4G IB . -8.52 39.48 29.40
C6 P4G IB . -8.21 38.26 28.72
C5 P4G IB . -6.75 37.90 29.00
O3 P4G IB . -6.67 37.03 30.11
C4 P4G IB . -6.39 35.65 29.79
C3 P4G IB . -6.84 34.77 30.95
O2 P4G IB . -8.09 35.22 31.46
C2 P4G IB . -8.53 34.55 32.65
C1 P4G IB . -8.44 35.49 33.85
C8 P4G JB . -21.67 34.72 36.17
C7 P4G JB . -21.37 36.03 35.43
O4 P4G JB . -20.62 36.90 36.32
C6 P4G JB . -21.08 38.26 36.34
C5 P4G JB . -21.90 38.52 37.60
O3 P4G JB . -21.27 37.90 38.72
C4 P4G JB . -20.83 38.83 39.71
C3 P4G JB . -20.76 38.13 41.06
O2 P4G JB . -20.11 38.98 41.99
C2 P4G JB . -20.97 39.75 42.82
C1 P4G JB . -20.60 41.22 42.68
C8 P4G KB . -15.37 36.46 28.58
C7 P4G KB . -16.17 35.98 27.33
O4 P4G KB . -17.58 35.90 27.62
C6 P4G KB . -18.32 37.07 27.21
C5 P4G KB . -19.81 36.89 27.47
O3 P4G KB . -19.99 36.22 28.72
C4 P4G KB . -20.89 35.11 28.66
C3 P4G KB . -21.78 35.18 29.89
O2 P4G KB . -21.06 34.69 31.01
C2 P4G KB . -21.91 34.39 32.13
C1 P4G KB . -21.35 33.18 32.86
OAM G9Z LB . 7.93 15.11 12.80
CAB G9Z LB . 8.33 14.14 13.44
CAC G9Z LB . 7.80 12.86 13.29
CB G9Z LB . 8.56 11.92 14.22
CA G9Z LB . 9.46 12.84 15.06
C G9Z LB . 10.81 12.40 14.97
O G9Z LB . 11.60 12.99 14.18
N G9Z LB . 9.20 14.23 14.46
CAG G9Z LB . 9.87 15.50 14.90
CAH G9Z LB . 9.12 16.25 16.02
OAP G9Z LB . 8.81 15.33 17.09
CAI G9Z LB . 9.95 17.44 16.54
OAQ G9Z LB . 11.33 17.07 16.69
CAJ G9Z LB . 9.75 18.72 15.65
OAR G9Z LB . 10.20 18.51 14.31
CAK G9Z LB . 10.39 20.00 16.26
OAT G9Z LB . 9.97 20.21 17.63
CAL G9Z LB . 10.09 21.23 15.39
OAS G9Z LB . 8.67 21.53 15.37
OXT G9Z LB . 11.11 11.38 15.66
C1 PEG MB . -17.49 10.13 46.24
O1 PEG MB . -18.69 10.11 45.48
C2 PEG MB . -16.49 9.15 45.72
O2 PEG MB . -15.36 9.10 46.59
C3 PEG MB . -14.16 9.62 46.01
C4 PEG MB . -13.53 10.58 46.94
O4 PEG MB . -14.37 11.68 47.23
C1 PEG NB . -2.17 6.46 41.92
O1 PEG NB . -2.89 7.57 42.44
C2 PEG NB . -2.11 5.30 42.88
O2 PEG NB . -3.42 4.86 43.21
C3 PEG NB . -3.72 3.56 42.71
C4 PEG NB . -5.21 3.39 42.59
O4 PEG NB . -5.81 4.37 41.77
C1 PEG OB . -15.37 32.72 29.03
O1 PEG OB . -14.86 33.57 30.03
C2 PEG OB . -15.82 31.42 29.62
O2 PEG OB . -17.15 31.09 29.21
C3 PEG OB . -18.17 32.06 29.48
C4 PEG OB . -18.38 32.27 30.95
O4 PEG OB . -18.43 31.05 31.66
C1 PEG PB . -8.12 0.07 -11.15
O1 PEG PB . -7.99 -0.92 -10.16
C2 PEG PB . -7.29 1.27 -10.83
O2 PEG PB . -7.97 2.45 -11.22
C3 PEG PB . -8.03 3.44 -10.19
C4 PEG PB . -9.43 3.94 -10.04
O4 PEG PB . -9.71 4.32 -8.70
#